data_6RRH
#
_entry.id   6RRH
#
_cell.length_a   89.087
_cell.length_b   91.427
_cell.length_c   132.339
_cell.angle_alpha   90.000
_cell.angle_beta   90.000
_cell.angle_gamma   90.000
#
_symmetry.space_group_name_H-M   'P 21 21 21'
#
loop_
_entity.id
_entity.type
_entity.pdbx_description
1 polymer 'Alpha-mannosidase 2'
2 non-polymer 1,2-ETHANEDIOL
3 non-polymer 'ZINC ION'
4 water water
#
_entity_poly.entity_id   1
_entity_poly.type   'polypeptide(L)'
_entity_poly.pdbx_seq_one_letter_code
;DDPIRPPLKVARSPRPGQCQDVVQDVPNVDVQMLELYDRMSFKDIDGGVWKQGWNIKYDPLKYNAHHKLKVFVVPHSHND
PGWIQTFEEYYQHDTKHILSNALRHLHDNPEMKFIWAEISYFARFYHDLGENKKLQMKSIVKNGQLEFVTGGWVMPDEAN
SHWRNVLLQLTEGQTWLKQFMNVTPTASWAIDPFGHSPTMPYILQKSGFKNMLIQRTHYSVKKELAQQRQLEFLWRQIWD
NKGDTALFTHMMPFYSYDIPHTCGPDPKVCCQFDFKRMGSFGLSCPWKVPPRTISDQNVAARSDLLVDQWKKKAELYRTN
VLLIPLGDDFRFKQNTEWDVQRVNYERLFEHINSQAHFNVQAQFGTLQEYFDAVHQAERAGQAEFPTLSGDFFTYADRSD
NYWSGYYTSRPYHKRMDRVLMHYVRAAEMLSAWHSWDGMARIEERLEQARRELSLFQHHDGITGTAKTHVVVDYEQRMQE
ALKACQMVMQQSVYRLLTKPSIYSPDFSFSYFTLDDSRWPGSGVEDSRTTIILGEDILPSKHVVMHNTLPHWREQLVDFY
VSSPFVSVTDLANNPVEAQVSPVWSWHHDTLTKTIHPQGSTTKYRIIFKARVPPMGLATYVLTISDSKPEHTSYASNLLL
RKNPTSLPLGQYPEDVKFGDPREISLRVGNGPTLAFSEQGLLKSIQLTQDSPHVPVHFKFLKYGVRSHGDRSGAYLFLPN
GPASPVELGQPVVLVTKGKLESSVSVGLPSVVHQTIMRGGAPEIRNLVDIGSLDNTEIVMRLETHIDSGDIFYTDLNGLQ
FIKRRRLDKLPLQANYYPIPSGMFIEDANTRLTLLTGQPLGGSSLASGELEIMQDRRLASDDERGLGQGVLDNKPVLHIY
RLVLEKVNNCVRPSELHPAGYLTSAAHKASQSLLDPLDKFIFAENEWIGAQGQFGGDHPSAREDLDVSVMRRLTKSSAKT
QRVGYVLHRTNLMQCGTPEEHTQKLDVCHLLPNVARCERTTLTFLQNLEHLDGMVAPEVCPMETAAYVSSHSS
;
_entity_poly.pdbx_strand_id   A
#
loop_
_chem_comp.id
_chem_comp.type
_chem_comp.name
_chem_comp.formula
EDO non-polymer 1,2-ETHANEDIOL 'C2 H6 O2'
ZN non-polymer 'ZINC ION' 'Zn 2'
#
# COMPACT_ATOMS: atom_id res chain seq x y z
N GLN A 18 12.64 16.29 22.74
CA GLN A 18 11.51 16.04 23.68
C GLN A 18 10.28 15.55 22.89
N CYS A 19 9.94 14.26 23.02
CA CYS A 19 8.93 13.53 22.20
C CYS A 19 7.65 13.29 22.99
N GLN A 20 6.52 13.24 22.29
CA GLN A 20 5.21 12.77 22.83
C GLN A 20 5.35 11.37 23.38
N ASP A 21 4.61 11.07 24.44
CA ASP A 21 4.27 9.67 24.84
C ASP A 21 3.01 9.30 24.06
N VAL A 22 3.03 8.14 23.39
CA VAL A 22 2.03 7.74 22.36
C VAL A 22 1.30 6.50 22.87
N VAL A 23 1.44 6.21 24.17
CA VAL A 23 0.99 4.94 24.81
C VAL A 23 0.08 5.27 26.01
N GLN A 24 0.56 6.14 26.91
CA GLN A 24 -0.07 6.44 28.24
C GLN A 24 -1.11 7.55 28.10
N ASP A 25 -0.84 8.56 27.26
CA ASP A 25 -1.75 9.70 27.00
C ASP A 25 -2.68 9.37 25.83
N VAL A 26 -4.00 9.55 26.03
CA VAL A 26 -5.08 9.37 25.01
C VAL A 26 -5.45 10.76 24.50
N PRO A 27 -5.31 11.07 23.18
CA PRO A 27 -5.67 12.40 22.66
C PRO A 27 -7.15 12.73 22.90
N ASN A 28 -7.45 14.01 23.08
CA ASN A 28 -8.85 14.48 23.15
C ASN A 28 -9.25 15.00 21.77
N VAL A 29 -10.26 14.41 21.14
CA VAL A 29 -10.76 14.88 19.82
C VAL A 29 -12.28 14.94 19.88
N ASP A 30 -12.88 15.76 19.02
CA ASP A 30 -14.36 15.93 18.98
C ASP A 30 -14.96 14.65 18.45
N VAL A 31 -14.36 14.08 17.40
CA VAL A 31 -14.83 12.83 16.73
C VAL A 31 -13.73 11.79 16.77
N GLN A 32 -13.97 10.67 17.45
CA GLN A 32 -13.09 9.48 17.45
C GLN A 32 -13.89 8.35 16.78
N MET A 33 -13.41 7.86 15.64
CA MET A 33 -14.27 7.09 14.71
C MET A 33 -14.70 5.75 15.34
N LEU A 34 -13.85 5.11 16.13
CA LEU A 34 -14.22 3.85 16.83
C LEU A 34 -15.36 4.14 17.82
N GLU A 35 -15.20 5.21 18.60
CA GLU A 35 -16.20 5.71 19.57
C GLU A 35 -17.48 6.09 18.80
N LEU A 36 -17.36 6.87 17.72
CA LEU A 36 -18.51 7.27 16.88
C LEU A 36 -19.22 6.01 16.40
N TYR A 37 -18.46 5.01 15.96
CA TYR A 37 -18.99 3.75 15.38
C TYR A 37 -19.83 3.01 16.44
N ASP A 38 -19.38 3.02 17.70
CA ASP A 38 -20.06 2.32 18.81
C ASP A 38 -21.43 2.99 19.01
N ARG A 39 -21.44 4.31 19.11
CA ARG A 39 -22.64 5.12 19.46
C ARG A 39 -23.49 5.41 18.21
N MET A 40 -23.19 4.82 17.06
CA MET A 40 -23.94 5.05 15.79
C MET A 40 -24.90 3.89 15.55
N SER A 41 -26.11 4.21 15.10
CA SER A 41 -27.18 3.21 14.88
C SER A 41 -27.03 2.63 13.47
N PHE A 42 -26.49 3.41 12.52
CA PHE A 42 -26.28 2.97 11.11
C PHE A 42 -27.61 2.68 10.42
N LYS A 43 -28.72 3.29 10.88
CA LYS A 43 -30.07 3.08 10.27
C LYS A 43 -30.03 3.57 8.81
N ASP A 44 -30.50 2.74 7.87
CA ASP A 44 -30.54 3.00 6.42
C ASP A 44 -31.95 3.55 6.08
N ILE A 45 -32.29 4.70 6.65
CA ILE A 45 -33.61 5.40 6.45
C ILE A 45 -33.62 6.10 5.09
N ASP A 46 -34.73 5.99 4.35
CA ASP A 46 -35.05 6.83 3.18
C ASP A 46 -35.15 8.28 3.68
N GLY A 47 -34.30 9.19 3.18
CA GLY A 47 -34.14 10.58 3.66
C GLY A 47 -34.89 11.57 2.77
N GLY A 48 -35.34 11.11 1.61
CA GLY A 48 -36.08 11.90 0.61
C GLY A 48 -35.28 12.03 -0.66
N VAL A 49 -35.21 13.26 -1.20
CA VAL A 49 -34.49 13.55 -2.48
C VAL A 49 -33.01 13.19 -2.24
N TRP A 50 -32.52 13.52 -1.03
CA TRP A 50 -31.23 13.04 -0.46
C TRP A 50 -31.51 11.73 0.30
N LYS A 51 -31.36 10.61 -0.42
CA LYS A 51 -31.83 9.27 0.00
C LYS A 51 -31.21 8.86 1.34
N GLN A 52 -29.95 9.26 1.62
CA GLN A 52 -29.17 8.78 2.80
C GLN A 52 -28.92 9.90 3.82
N GLY A 53 -29.61 11.03 3.72
CA GLY A 53 -29.62 12.08 4.76
C GLY A 53 -31.06 12.45 5.17
N TRP A 54 -31.44 13.70 4.94
CA TRP A 54 -32.75 14.27 5.36
C TRP A 54 -33.14 15.43 4.41
N ASN A 55 -34.30 16.04 4.62
CA ASN A 55 -34.72 17.24 3.85
C ASN A 55 -34.07 18.46 4.51
N ILE A 56 -33.08 19.04 3.86
CA ILE A 56 -32.28 20.16 4.43
C ILE A 56 -33.14 21.44 4.43
N LYS A 57 -33.10 22.14 5.55
CA LYS A 57 -33.76 23.45 5.71
C LYS A 57 -32.69 24.47 6.01
N TYR A 58 -32.79 25.64 5.37
CA TYR A 58 -32.10 26.87 5.80
C TYR A 58 -33.15 27.97 6.02
N ASP A 59 -32.89 28.79 7.03
CA ASP A 59 -33.46 30.14 7.23
C ASP A 59 -32.92 31.06 6.14
N PRO A 60 -33.77 31.52 5.18
CA PRO A 60 -33.28 32.36 4.09
C PRO A 60 -32.78 33.77 4.47
N LEU A 61 -33.02 34.22 5.72
CA LEU A 61 -32.58 35.54 6.25
C LEU A 61 -31.18 35.42 6.87
N LYS A 62 -30.63 34.20 6.89
CA LYS A 62 -29.21 33.90 7.11
C LYS A 62 -28.34 34.74 6.15
N TYR A 63 -28.78 34.89 4.90
CA TYR A 63 -28.05 35.56 3.81
C TYR A 63 -28.62 36.97 3.61
N ASN A 64 -27.74 37.94 3.40
CA ASN A 64 -28.06 39.38 3.15
C ASN A 64 -26.82 40.03 2.50
N ALA A 65 -26.86 41.31 2.17
CA ALA A 65 -25.82 41.99 1.35
C ALA A 65 -24.47 41.98 2.08
N HIS A 66 -24.49 41.74 3.41
CA HIS A 66 -23.31 41.76 4.33
C HIS A 66 -22.81 40.36 4.69
N HIS A 67 -23.67 39.34 4.59
N HIS A 67 -23.68 39.34 4.66
CA HIS A 67 -23.32 37.90 4.82
CA HIS A 67 -23.32 37.90 4.81
C HIS A 67 -23.74 37.10 3.58
C HIS A 67 -23.79 37.15 3.56
N LYS A 68 -23.03 37.24 2.46
CA LYS A 68 -23.37 36.60 1.17
C LYS A 68 -22.82 35.17 1.13
N LEU A 69 -23.33 34.35 0.22
CA LEU A 69 -22.81 32.98 0.02
C LEU A 69 -21.81 33.08 -1.12
N LYS A 70 -20.56 32.69 -0.87
CA LYS A 70 -19.45 32.70 -1.86
C LYS A 70 -19.36 31.28 -2.43
N VAL A 71 -19.59 31.12 -3.74
CA VAL A 71 -19.68 29.79 -4.40
C VAL A 71 -18.51 29.63 -5.39
N PHE A 72 -17.63 28.69 -5.08
CA PHE A 72 -16.55 28.22 -6.00
C PHE A 72 -17.01 26.96 -6.70
N VAL A 73 -17.17 27.07 -8.01
CA VAL A 73 -17.54 25.98 -8.96
C VAL A 73 -16.26 25.52 -9.62
N VAL A 74 -15.81 24.30 -9.30
CA VAL A 74 -14.46 23.79 -9.63
C VAL A 74 -14.61 22.70 -10.68
N PRO A 75 -14.36 23.02 -11.97
CA PRO A 75 -14.35 22.01 -13.01
C PRO A 75 -13.18 21.02 -12.80
N HIS A 76 -13.44 19.75 -13.08
CA HIS A 76 -12.49 18.62 -12.91
C HIS A 76 -12.88 17.50 -13.88
N SER A 77 -11.97 16.56 -14.04
CA SER A 77 -12.08 15.39 -14.95
C SER A 77 -11.34 14.26 -14.23
N HIS A 78 -12.06 13.22 -13.83
CA HIS A 78 -11.46 12.09 -13.10
C HIS A 78 -10.83 11.16 -14.13
N ASN A 79 -9.51 11.04 -14.11
CA ASN A 79 -8.74 10.29 -15.12
C ASN A 79 -8.11 9.08 -14.42
N ASP A 80 -8.70 7.89 -14.60
CA ASP A 80 -8.12 6.64 -14.08
C ASP A 80 -6.91 6.25 -14.93
N PRO A 81 -5.67 6.17 -14.35
CA PRO A 81 -4.49 5.57 -15.00
C PRO A 81 -4.53 4.05 -15.18
N GLY A 82 -5.65 3.56 -15.73
CA GLY A 82 -6.02 2.15 -15.82
C GLY A 82 -7.28 1.84 -15.04
N TRP A 83 -8.25 1.24 -15.72
CA TRP A 83 -9.47 0.69 -15.07
C TRP A 83 -10.18 -0.22 -16.08
N ILE A 84 -10.97 0.37 -16.99
CA ILE A 84 -11.69 -0.31 -18.10
C ILE A 84 -10.74 -0.42 -19.29
N GLN A 85 -9.84 0.56 -19.41
CA GLN A 85 -8.77 0.58 -20.43
C GLN A 85 -7.43 0.73 -19.69
N THR A 86 -6.33 0.44 -20.39
CA THR A 86 -4.96 0.63 -19.87
C THR A 86 -4.63 2.12 -19.88
N PHE A 87 -3.57 2.49 -19.18
CA PHE A 87 -3.04 3.87 -19.16
C PHE A 87 -3.00 4.43 -20.59
N GLU A 88 -2.39 3.68 -21.51
CA GLU A 88 -2.05 4.16 -22.87
C GLU A 88 -3.34 4.20 -23.72
N GLU A 89 -4.22 3.23 -23.57
CA GLU A 89 -5.55 3.22 -24.24
C GLU A 89 -6.31 4.49 -23.81
N TYR A 90 -6.48 4.70 -22.51
CA TYR A 90 -7.17 5.90 -21.97
C TYR A 90 -6.48 7.16 -22.48
N TYR A 91 -5.15 7.19 -22.49
CA TYR A 91 -4.38 8.38 -22.97
C TYR A 91 -4.82 8.75 -24.39
N GLN A 92 -4.86 7.74 -25.27
CA GLN A 92 -5.07 7.93 -26.73
C GLN A 92 -6.54 8.23 -26.98
N HIS A 93 -7.46 7.51 -26.32
CA HIS A 93 -8.93 7.63 -26.49
C HIS A 93 -9.45 8.92 -25.83
N ASP A 94 -8.87 9.39 -24.71
CA ASP A 94 -9.55 10.38 -23.83
C ASP A 94 -8.61 11.49 -23.36
N THR A 95 -7.58 11.13 -22.60
CA THR A 95 -6.90 12.08 -21.66
C THR A 95 -6.12 13.13 -22.47
N LYS A 96 -5.52 12.76 -23.60
CA LYS A 96 -4.70 13.71 -24.41
C LYS A 96 -5.65 14.75 -25.00
N HIS A 97 -6.86 14.34 -25.39
CA HIS A 97 -7.91 15.25 -25.90
C HIS A 97 -8.37 16.17 -24.77
N ILE A 98 -8.57 15.61 -23.57
CA ILE A 98 -8.99 16.41 -22.39
C ILE A 98 -7.91 17.47 -22.13
N LEU A 99 -6.63 17.10 -22.13
CA LEU A 99 -5.56 18.07 -21.72
C LEU A 99 -5.26 19.07 -22.84
N SER A 100 -5.36 18.64 -24.10
CA SER A 100 -5.29 19.53 -25.28
CA SER A 100 -5.30 19.53 -25.29
C SER A 100 -6.37 20.62 -25.17
N ASN A 101 -7.62 20.19 -25.00
CA ASN A 101 -8.78 21.13 -24.89
C ASN A 101 -8.65 21.99 -23.64
N ALA A 102 -8.25 21.43 -22.51
CA ALA A 102 -7.99 22.24 -21.30
C ALA A 102 -6.99 23.35 -21.65
N LEU A 103 -5.95 23.02 -22.41
CA LEU A 103 -4.90 24.01 -22.77
C LEU A 103 -5.53 25.15 -23.59
N ARG A 104 -6.20 24.77 -24.68
CA ARG A 104 -6.89 25.68 -25.64
C ARG A 104 -7.92 26.56 -24.90
N HIS A 105 -8.87 25.95 -24.19
CA HIS A 105 -10.02 26.68 -23.59
CA HIS A 105 -10.02 26.68 -23.59
C HIS A 105 -9.56 27.58 -22.45
N LEU A 106 -8.67 27.12 -21.60
CA LEU A 106 -8.23 27.97 -20.46
C LEU A 106 -7.44 29.18 -21.00
N HIS A 107 -6.67 28.98 -22.06
CA HIS A 107 -5.89 30.03 -22.78
C HIS A 107 -6.87 31.10 -23.25
N ASP A 108 -7.93 30.71 -23.97
CA ASP A 108 -8.94 31.62 -24.58
C ASP A 108 -9.92 32.18 -23.55
N ASN A 109 -10.04 31.62 -22.34
CA ASN A 109 -11.15 31.97 -21.41
C ASN A 109 -10.57 32.18 -20.02
N PRO A 110 -10.00 33.39 -19.76
CA PRO A 110 -9.20 33.68 -18.57
C PRO A 110 -9.87 33.43 -17.21
N GLU A 111 -11.21 33.40 -17.16
CA GLU A 111 -11.98 33.24 -15.90
C GLU A 111 -12.30 31.76 -15.68
N MET A 112 -12.31 30.98 -16.76
CA MET A 112 -12.48 29.51 -16.73
C MET A 112 -11.30 28.89 -15.97
N LYS A 113 -11.61 27.88 -15.15
CA LYS A 113 -10.63 27.23 -14.25
C LYS A 113 -10.76 25.71 -14.42
N PHE A 114 -9.78 24.97 -13.90
CA PHE A 114 -9.66 23.50 -14.04
C PHE A 114 -8.62 23.00 -13.03
N ILE A 115 -8.92 21.88 -12.36
CA ILE A 115 -7.98 21.16 -11.45
C ILE A 115 -7.58 19.82 -12.09
N TRP A 116 -6.35 19.40 -11.81
CA TRP A 116 -5.77 18.16 -12.37
C TRP A 116 -5.01 17.43 -11.27
N ALA A 117 -5.25 16.13 -11.15
CA ALA A 117 -4.71 15.32 -10.03
C ALA A 117 -3.60 14.38 -10.51
N GLU A 118 -3.78 13.65 -11.63
CA GLU A 118 -2.96 12.47 -11.99
C GLU A 118 -1.77 12.91 -12.88
N ILE A 119 -0.61 13.06 -12.27
CA ILE A 119 0.58 13.60 -12.98
C ILE A 119 1.10 12.55 -13.97
N SER A 120 0.87 11.26 -13.71
CA SER A 120 1.25 10.23 -14.71
C SER A 120 0.74 10.66 -16.08
N TYR A 121 -0.55 10.97 -16.21
CA TYR A 121 -1.16 11.37 -17.50
C TYR A 121 -0.60 12.72 -17.95
N PHE A 122 -0.35 13.64 -17.02
CA PHE A 122 0.03 15.03 -17.39
C PHE A 122 1.47 15.07 -17.94
N ALA A 123 2.36 14.23 -17.41
CA ALA A 123 3.77 14.12 -17.83
C ALA A 123 3.79 13.46 -19.20
N ARG A 124 3.04 12.38 -19.41
CA ARG A 124 2.85 11.75 -20.74
C ARG A 124 2.51 12.81 -21.79
N PHE A 125 1.50 13.64 -21.50
CA PHE A 125 1.02 14.75 -22.37
C PHE A 125 2.09 15.84 -22.57
N TYR A 126 2.57 16.45 -21.48
CA TYR A 126 3.43 17.67 -21.52
C TYR A 126 4.72 17.43 -22.30
N HIS A 127 5.34 16.26 -22.17
CA HIS A 127 6.61 15.90 -22.87
C HIS A 127 6.35 15.79 -24.37
N ASP A 128 5.12 15.50 -24.80
CA ASP A 128 4.76 15.39 -26.25
C ASP A 128 4.46 16.75 -26.90
N LEU A 129 4.35 17.84 -26.13
CA LEU A 129 4.00 19.19 -26.64
C LEU A 129 5.19 19.83 -27.35
N GLY A 130 4.92 20.65 -28.39
CA GLY A 130 5.87 21.63 -28.95
C GLY A 130 6.21 22.67 -27.89
N GLU A 131 7.30 23.40 -28.07
CA GLU A 131 7.82 24.36 -27.06
C GLU A 131 6.79 25.50 -26.84
N ASN A 132 6.10 25.91 -27.90
CA ASN A 132 5.05 26.95 -27.86
C ASN A 132 3.96 26.52 -26.87
N LYS A 133 3.34 25.37 -27.13
CA LYS A 133 2.32 24.74 -26.25
C LYS A 133 2.82 24.61 -24.79
N LYS A 134 4.07 24.19 -24.59
N LYS A 134 4.08 24.18 -24.61
CA LYS A 134 4.64 23.99 -23.24
CA LYS A 134 4.68 23.99 -23.26
C LYS A 134 4.64 25.33 -22.49
C LYS A 134 4.63 25.32 -22.51
N LEU A 135 4.96 26.42 -23.18
CA LEU A 135 5.04 27.76 -22.56
C LEU A 135 3.61 28.31 -22.34
N GLN A 136 2.67 28.02 -23.23
CA GLN A 136 1.20 28.30 -23.10
C GLN A 136 0.64 27.54 -21.89
N MET A 137 1.02 26.26 -21.77
CA MET A 137 0.66 25.43 -20.60
C MET A 137 1.22 26.08 -19.34
N LYS A 138 2.48 26.51 -19.37
CA LYS A 138 3.12 27.12 -18.17
C LYS A 138 2.40 28.41 -17.75
N SER A 139 1.88 29.17 -18.74
N SER A 139 1.89 29.19 -18.72
CA SER A 139 1.17 30.47 -18.55
CA SER A 139 1.20 30.47 -18.44
C SER A 139 -0.16 30.23 -17.81
C SER A 139 -0.15 30.20 -17.75
N ILE A 140 -0.91 29.19 -18.19
CA ILE A 140 -2.22 28.88 -17.55
C ILE A 140 -1.98 28.21 -16.20
N VAL A 141 -0.80 27.62 -15.93
CA VAL A 141 -0.49 27.13 -14.56
C VAL A 141 0.03 28.31 -13.74
N LYS A 142 0.83 29.20 -14.33
CA LYS A 142 1.43 30.38 -13.64
C LYS A 142 0.34 31.31 -13.10
N ASN A 143 -0.65 31.63 -13.92
CA ASN A 143 -1.76 32.54 -13.54
C ASN A 143 -2.88 31.77 -12.80
N GLY A 144 -2.68 30.50 -12.41
CA GLY A 144 -3.59 29.74 -11.51
C GLY A 144 -4.91 29.32 -12.14
N GLN A 145 -5.01 29.25 -13.46
CA GLN A 145 -6.22 28.77 -14.17
C GLN A 145 -6.28 27.22 -14.09
N LEU A 146 -5.23 26.52 -14.56
CA LEU A 146 -5.03 25.05 -14.34
CA LEU A 146 -5.03 25.06 -14.35
C LEU A 146 -4.26 24.86 -13.04
N GLU A 147 -4.88 24.21 -12.05
CA GLU A 147 -4.29 24.03 -10.71
C GLU A 147 -4.15 22.53 -10.49
N PHE A 148 -2.96 22.10 -10.09
CA PHE A 148 -2.65 20.69 -9.75
C PHE A 148 -3.11 20.43 -8.33
N VAL A 149 -3.85 19.36 -8.15
CA VAL A 149 -4.35 18.96 -6.80
C VAL A 149 -3.66 17.65 -6.42
N THR A 150 -3.12 17.59 -5.21
CA THR A 150 -2.21 16.50 -4.71
C THR A 150 -0.90 16.47 -5.51
N GLY A 151 -0.97 16.27 -6.81
CA GLY A 151 0.21 16.23 -7.68
C GLY A 151 0.96 14.91 -7.52
N GLY A 152 0.26 13.87 -7.09
CA GLY A 152 0.80 12.51 -7.07
C GLY A 152 0.81 11.93 -8.47
N TRP A 153 1.66 10.92 -8.68
CA TRP A 153 1.70 10.18 -9.97
C TRP A 153 0.30 9.67 -10.30
N VAL A 154 -0.39 9.19 -9.26
CA VAL A 154 -1.77 8.64 -9.29
C VAL A 154 -2.57 9.26 -8.13
N MET A 155 -3.85 8.93 -8.07
CA MET A 155 -4.69 9.06 -6.87
C MET A 155 -4.71 7.70 -6.20
N PRO A 156 -3.82 7.40 -5.23
CA PRO A 156 -3.63 6.03 -4.77
C PRO A 156 -4.83 5.43 -4.03
N ASP A 157 -4.96 4.11 -4.11
CA ASP A 157 -5.63 3.28 -3.06
C ASP A 157 -5.11 3.68 -1.68
N GLU A 158 -5.96 3.62 -0.66
CA GLU A 158 -5.55 3.99 0.72
C GLU A 158 -5.75 2.80 1.66
N ALA A 159 -6.32 1.68 1.20
CA ALA A 159 -6.55 0.45 2.02
C ALA A 159 -5.32 -0.48 1.99
N ASN A 160 -4.88 -0.84 0.78
CA ASN A 160 -3.91 -1.94 0.50
C ASN A 160 -2.48 -1.39 0.37
N SER A 161 -2.36 -0.10 0.05
CA SER A 161 -1.11 0.59 -0.28
C SER A 161 -0.23 0.65 0.96
N HIS A 162 1.05 0.34 0.82
CA HIS A 162 2.06 0.59 1.88
C HIS A 162 2.40 2.08 1.86
N TRP A 163 2.55 2.67 3.03
CA TRP A 163 2.82 4.12 3.17
C TRP A 163 4.06 4.46 2.35
N ARG A 164 5.04 3.56 2.27
CA ARG A 164 6.29 3.84 1.53
C ARG A 164 5.92 4.11 0.08
N ASN A 165 5.02 3.32 -0.50
CA ASN A 165 4.64 3.45 -1.94
C ASN A 165 3.70 4.64 -2.10
N VAL A 166 2.93 4.98 -1.08
CA VAL A 166 2.09 6.21 -1.14
C VAL A 166 3.05 7.41 -1.29
N LEU A 167 4.07 7.47 -0.44
CA LEU A 167 5.10 8.54 -0.49
C LEU A 167 5.85 8.44 -1.82
N LEU A 168 6.21 7.24 -2.28
CA LEU A 168 6.91 7.13 -3.57
C LEU A 168 6.12 7.81 -4.70
N GLN A 169 4.83 7.48 -4.86
CA GLN A 169 4.01 8.01 -6.00
C GLN A 169 3.82 9.53 -5.80
N LEU A 170 3.60 9.99 -4.58
CA LEU A 170 3.55 11.44 -4.29
C LEU A 170 4.85 12.13 -4.72
N THR A 171 5.98 11.57 -4.27
CA THR A 171 7.32 12.13 -4.48
C THR A 171 7.58 12.29 -5.98
N GLU A 172 7.14 11.33 -6.78
CA GLU A 172 7.40 11.23 -8.23
C GLU A 172 6.55 12.26 -8.99
N GLY A 173 5.32 12.48 -8.55
CA GLY A 173 4.43 13.46 -9.20
C GLY A 173 4.86 14.87 -8.84
N GLN A 174 5.17 15.10 -7.57
CA GLN A 174 5.55 16.46 -7.10
C GLN A 174 6.94 16.81 -7.65
N THR A 175 7.88 15.85 -7.71
CA THR A 175 9.23 16.12 -8.25
C THR A 175 9.07 16.49 -9.72
N TRP A 176 8.29 15.74 -10.47
CA TRP A 176 7.95 16.10 -11.87
C TRP A 176 7.30 17.50 -11.95
N LEU A 177 6.36 17.85 -11.06
CA LEU A 177 5.68 19.18 -11.10
C LEU A 177 6.71 20.28 -10.81
N LYS A 178 7.53 20.11 -9.77
CA LYS A 178 8.55 21.10 -9.33
C LYS A 178 9.56 21.30 -10.47
N GLN A 179 10.12 20.22 -11.02
CA GLN A 179 11.12 20.28 -12.12
C GLN A 179 10.55 21.02 -13.33
N PHE A 180 9.33 20.69 -13.76
CA PHE A 180 8.79 21.06 -15.09
C PHE A 180 7.74 22.18 -15.02
N MET A 181 7.15 22.52 -13.86
CA MET A 181 6.11 23.59 -13.73
CA MET A 181 6.12 23.59 -13.74
C MET A 181 6.42 24.49 -12.53
N ASN A 182 7.56 24.30 -11.89
CA ASN A 182 7.93 25.06 -10.66
C ASN A 182 6.67 25.27 -9.78
N VAL A 183 5.91 24.22 -9.49
CA VAL A 183 4.76 24.25 -8.52
C VAL A 183 4.72 22.98 -7.66
N THR A 184 4.32 23.14 -6.40
CA THR A 184 4.13 22.06 -5.42
C THR A 184 2.75 22.21 -4.78
N PRO A 185 1.75 21.40 -5.19
CA PRO A 185 0.40 21.52 -4.62
C PRO A 185 0.43 21.35 -3.10
N THR A 186 -0.41 22.10 -2.37
CA THR A 186 -0.59 22.01 -0.89
C THR A 186 -2.03 21.63 -0.51
N ALA A 187 -2.87 21.35 -1.50
CA ALA A 187 -4.25 20.84 -1.33
C ALA A 187 -4.37 19.48 -2.02
N SER A 188 -4.87 18.47 -1.32
CA SER A 188 -5.03 17.11 -1.87
C SER A 188 -6.49 16.92 -2.31
N TRP A 189 -6.70 16.13 -3.36
CA TRP A 189 -8.01 15.78 -3.97
C TRP A 189 -8.04 14.25 -4.15
N ALA A 190 -8.90 13.59 -3.38
CA ALA A 190 -9.02 12.13 -3.37
C ALA A 190 -10.51 11.80 -3.39
N ILE A 191 -11.10 11.80 -4.59
CA ILE A 191 -12.58 11.68 -4.79
C ILE A 191 -12.99 10.21 -5.03
N ASP A 192 -12.07 9.31 -5.34
CA ASP A 192 -12.44 7.94 -5.82
C ASP A 192 -11.95 6.79 -4.94
N PRO A 193 -10.89 6.88 -4.09
CA PRO A 193 -10.49 5.73 -3.27
C PRO A 193 -11.60 5.22 -2.35
N PHE A 194 -11.65 3.91 -2.13
CA PHE A 194 -12.85 3.23 -1.60
C PHE A 194 -12.69 3.14 -0.09
N GLY A 195 -12.88 4.29 0.55
CA GLY A 195 -12.54 4.46 1.96
C GLY A 195 -11.22 5.18 2.06
N HIS A 196 -10.95 5.75 3.22
CA HIS A 196 -9.85 6.73 3.41
C HIS A 196 -9.06 6.38 4.66
N SER A 197 -7.74 6.45 4.52
CA SER A 197 -6.75 6.18 5.57
C SER A 197 -6.23 7.49 6.17
N PRO A 198 -5.98 7.53 7.50
CA PRO A 198 -5.29 8.66 8.11
C PRO A 198 -3.79 8.68 7.74
N THR A 199 -3.29 7.63 7.10
CA THR A 199 -1.91 7.64 6.54
C THR A 199 -1.75 8.82 5.56
N MET A 200 -2.79 9.19 4.82
CA MET A 200 -2.70 10.27 3.80
C MET A 200 -2.43 11.62 4.46
N PRO A 201 -3.23 12.10 5.44
CA PRO A 201 -2.89 13.34 6.13
C PRO A 201 -1.50 13.28 6.77
N TYR A 202 -1.15 12.14 7.37
CA TYR A 202 0.17 11.90 8.00
C TYR A 202 1.27 12.30 7.03
N ILE A 203 1.24 11.74 5.82
CA ILE A 203 2.30 11.93 4.79
C ILE A 203 2.18 13.34 4.19
N LEU A 204 0.94 13.77 3.91
CA LEU A 204 0.69 15.08 3.26
C LEU A 204 1.15 16.20 4.20
N GLN A 205 0.85 16.12 5.48
CA GLN A 205 1.17 17.19 6.46
C GLN A 205 2.70 17.27 6.66
N LYS A 206 3.41 16.15 6.46
CA LYS A 206 4.90 16.09 6.48
C LYS A 206 5.45 16.36 5.08
N SER A 207 4.58 16.65 4.10
CA SER A 207 5.00 16.99 2.71
C SER A 207 4.56 18.42 2.33
N GLY A 208 4.26 19.25 3.33
CA GLY A 208 3.97 20.69 3.17
C GLY A 208 2.53 21.00 2.82
N PHE A 209 1.60 20.03 2.91
CA PHE A 209 0.18 20.21 2.57
C PHE A 209 -0.52 20.98 3.69
N LYS A 210 -1.58 21.72 3.37
CA LYS A 210 -2.39 22.49 4.36
C LYS A 210 -3.82 21.96 4.39
N ASN A 211 -4.33 21.40 3.28
CA ASN A 211 -5.73 20.91 3.16
C ASN A 211 -5.81 19.64 2.30
N MET A 212 -6.85 18.83 2.54
CA MET A 212 -7.17 17.62 1.73
C MET A 212 -8.67 17.42 1.68
N LEU A 213 -9.14 16.83 0.58
CA LEU A 213 -10.57 16.55 0.31
C LEU A 213 -10.74 15.04 0.11
N ILE A 214 -11.83 14.49 0.64
CA ILE A 214 -12.18 13.05 0.50
C ILE A 214 -13.66 12.96 0.17
N GLN A 215 -14.11 11.83 -0.38
CA GLN A 215 -15.49 11.61 -0.89
C GLN A 215 -16.04 10.29 -0.37
N ARG A 216 -15.37 9.17 -0.63
CA ARG A 216 -15.94 7.81 -0.43
C ARG A 216 -15.83 7.41 1.04
N THR A 217 -16.74 7.91 1.86
CA THR A 217 -16.94 7.46 3.25
C THR A 217 -18.36 6.90 3.33
N HIS A 218 -18.60 6.08 4.35
CA HIS A 218 -19.89 5.39 4.61
C HIS A 218 -21.01 6.45 4.67
N TYR A 219 -22.10 6.23 3.93
CA TYR A 219 -23.30 7.10 3.92
C TYR A 219 -23.78 7.41 5.36
N SER A 220 -23.77 6.45 6.29
CA SER A 220 -24.18 6.72 7.70
C SER A 220 -23.15 7.67 8.35
N VAL A 221 -21.87 7.59 8.00
CA VAL A 221 -20.87 8.55 8.54
C VAL A 221 -21.13 9.95 7.98
N LYS A 222 -21.38 10.06 6.67
CA LYS A 222 -21.74 11.34 6.00
C LYS A 222 -22.95 11.96 6.73
N LYS A 223 -23.94 11.14 7.08
CA LYS A 223 -25.19 11.64 7.72
C LYS A 223 -24.85 12.16 9.11
N GLU A 224 -24.16 11.33 9.87
CA GLU A 224 -23.86 11.60 11.28
C GLU A 224 -23.09 12.91 11.33
N LEU A 225 -22.02 13.03 10.54
CA LEU A 225 -21.14 14.23 10.55
C LEU A 225 -21.88 15.44 9.96
N ALA A 226 -22.66 15.21 8.91
CA ALA A 226 -23.46 16.28 8.27
C ALA A 226 -24.36 16.91 9.33
N GLN A 227 -24.95 16.11 10.20
CA GLN A 227 -25.93 16.58 11.21
C GLN A 227 -25.25 17.53 12.19
N GLN A 228 -23.95 17.39 12.46
CA GLN A 228 -23.25 18.26 13.45
C GLN A 228 -22.34 19.24 12.73
N ARG A 229 -22.45 19.34 11.40
CA ARG A 229 -21.52 20.11 10.55
C ARG A 229 -20.08 19.76 10.95
N GLN A 230 -19.77 18.46 10.95
CA GLN A 230 -18.42 17.94 11.21
C GLN A 230 -17.83 17.30 9.95
N LEU A 231 -18.24 17.80 8.77
CA LEU A 231 -17.73 17.29 7.47
C LEU A 231 -16.37 17.94 7.16
N GLU A 232 -16.11 19.14 7.71
CA GLU A 232 -14.75 19.73 7.69
C GLU A 232 -14.16 19.61 9.09
N PHE A 233 -12.95 19.07 9.21
CA PHE A 233 -12.37 18.68 10.51
C PHE A 233 -10.85 18.67 10.41
N LEU A 234 -10.22 18.84 11.57
CA LEU A 234 -8.76 18.85 11.71
C LEU A 234 -8.35 17.42 12.02
N TRP A 235 -7.95 16.69 10.98
CA TRP A 235 -7.69 15.24 11.03
C TRP A 235 -6.28 15.02 11.59
N ARG A 236 -6.19 14.51 12.83
CA ARG A 236 -4.90 14.14 13.47
C ARG A 236 -4.79 12.62 13.62
N GLN A 237 -3.55 12.15 13.80
CA GLN A 237 -3.27 10.71 14.01
C GLN A 237 -3.88 10.27 15.34
N ILE A 238 -4.31 9.01 15.42
CA ILE A 238 -5.02 8.40 16.59
C ILE A 238 -4.22 8.44 17.90
N TRP A 239 -2.90 8.71 17.86
CA TRP A 239 -1.98 8.74 19.04
C TRP A 239 -1.52 10.17 19.38
N ASP A 240 -1.80 11.15 18.52
CA ASP A 240 -1.19 12.51 18.59
C ASP A 240 -2.00 13.39 19.56
N ASN A 241 -1.51 13.51 20.81
CA ASN A 241 -2.08 14.31 21.94
C ASN A 241 -2.03 15.80 21.61
N LYS A 242 -0.90 16.24 21.05
CA LYS A 242 -0.53 17.66 20.80
C LYS A 242 -1.24 18.21 19.56
N GLY A 243 -1.52 17.39 18.54
CA GLY A 243 -2.19 17.84 17.30
C GLY A 243 -1.24 18.36 16.23
N ASP A 244 0.07 18.11 16.33
CA ASP A 244 1.08 18.54 15.31
C ASP A 244 0.84 17.85 13.95
N THR A 245 0.16 16.70 13.93
CA THR A 245 -0.10 15.89 12.71
C THR A 245 -1.38 16.37 11.98
N ALA A 246 -2.22 17.19 12.63
CA ALA A 246 -3.56 17.65 12.17
C ALA A 246 -3.47 18.27 10.77
N LEU A 247 -4.37 17.84 9.87
CA LEU A 247 -4.54 18.42 8.51
C LEU A 247 -6.04 18.71 8.30
N PHE A 248 -6.35 19.93 7.86
CA PHE A 248 -7.72 20.36 7.55
C PHE A 248 -8.26 19.45 6.44
N THR A 249 -9.35 18.74 6.72
CA THR A 249 -9.97 17.79 5.76
C THR A 249 -11.38 18.28 5.45
N HIS A 250 -11.74 18.31 4.17
CA HIS A 250 -13.13 18.46 3.66
C HIS A 250 -13.60 17.10 3.18
N MET A 251 -14.61 16.55 3.86
CA MET A 251 -15.41 15.37 3.43
C MET A 251 -16.61 15.90 2.66
N MET A 252 -16.72 15.47 1.40
N MET A 252 -16.73 15.47 1.41
CA MET A 252 -17.89 15.77 0.55
CA MET A 252 -17.91 15.82 0.58
C MET A 252 -19.10 15.02 1.13
C MET A 252 -19.10 15.03 1.11
N PRO A 253 -20.31 15.62 1.05
CA PRO A 253 -21.44 15.13 1.84
C PRO A 253 -22.29 14.03 1.19
N PHE A 254 -22.19 13.85 -0.12
CA PHE A 254 -23.20 13.11 -0.92
C PHE A 254 -22.59 11.81 -1.48
N TYR A 255 -23.38 11.12 -2.31
CA TYR A 255 -23.19 9.70 -2.71
C TYR A 255 -22.07 9.58 -3.75
N SER A 256 -21.89 10.60 -4.57
CA SER A 256 -20.92 10.58 -5.71
C SER A 256 -20.23 11.94 -5.82
N TYR A 257 -19.15 11.99 -6.60
CA TYR A 257 -18.43 13.25 -6.98
C TYR A 257 -18.95 13.77 -8.33
N ASP A 258 -19.90 13.06 -8.96
CA ASP A 258 -20.48 13.46 -10.27
C ASP A 258 -21.40 14.68 -10.08
N ILE A 259 -21.80 15.31 -11.17
CA ILE A 259 -22.49 16.64 -11.08
C ILE A 259 -23.84 16.51 -10.36
N PRO A 260 -24.63 15.44 -10.60
CA PRO A 260 -25.88 15.25 -9.85
C PRO A 260 -25.71 15.21 -8.33
N HIS A 261 -24.55 14.77 -7.84
CA HIS A 261 -24.33 14.60 -6.38
C HIS A 261 -23.37 15.67 -5.84
N THR A 262 -23.10 16.73 -6.60
CA THR A 262 -22.17 17.79 -6.12
C THR A 262 -22.79 19.19 -6.05
N CYS A 263 -23.96 19.45 -6.65
CA CYS A 263 -24.58 20.81 -6.64
C CYS A 263 -25.36 21.04 -5.33
N GLY A 264 -25.80 19.95 -4.69
CA GLY A 264 -26.73 20.00 -3.54
C GLY A 264 -27.47 18.68 -3.36
N PRO A 265 -28.47 18.63 -2.44
CA PRO A 265 -29.00 17.35 -1.94
C PRO A 265 -29.91 16.56 -2.89
N ASP A 266 -30.41 17.20 -3.94
CA ASP A 266 -31.42 16.63 -4.86
C ASP A 266 -30.79 16.42 -6.22
N PRO A 267 -30.37 15.17 -6.52
CA PRO A 267 -29.68 14.86 -7.77
C PRO A 267 -30.54 15.15 -8.99
N LYS A 268 -31.87 15.04 -8.86
CA LYS A 268 -32.86 15.35 -9.94
C LYS A 268 -32.69 16.81 -10.38
N VAL A 269 -32.46 17.72 -9.44
CA VAL A 269 -32.19 19.14 -9.78
C VAL A 269 -30.77 19.26 -10.32
N CYS A 270 -29.75 18.76 -9.60
CA CYS A 270 -28.30 18.97 -9.95
C CYS A 270 -28.01 18.39 -11.33
N CYS A 271 -28.61 17.26 -11.68
CA CYS A 271 -28.41 16.64 -13.01
C CYS A 271 -28.82 17.61 -14.13
N GLN A 272 -29.72 18.57 -13.85
CA GLN A 272 -30.18 19.57 -14.85
C GLN A 272 -29.08 20.61 -15.13
N PHE A 273 -28.01 20.61 -14.34
CA PHE A 273 -26.90 21.60 -14.43
C PHE A 273 -25.63 20.86 -14.82
N ASP A 274 -25.78 19.66 -15.40
CA ASP A 274 -24.75 18.94 -16.15
C ASP A 274 -25.05 19.11 -17.64
N PHE A 275 -24.46 20.12 -18.26
CA PHE A 275 -24.88 20.64 -19.58
C PHE A 275 -24.40 19.69 -20.69
N LYS A 276 -23.55 18.72 -20.35
CA LYS A 276 -23.12 17.67 -21.30
C LYS A 276 -24.25 16.66 -21.49
N ARG A 277 -25.25 16.61 -20.61
CA ARG A 277 -26.32 15.56 -20.65
C ARG A 277 -27.45 15.98 -21.62
N MET A 278 -27.17 16.77 -22.65
CA MET A 278 -28.15 17.20 -23.69
C MET A 278 -27.42 17.44 -25.01
N GLY A 282 -24.75 11.61 -25.93
CA GLY A 282 -25.66 10.46 -25.75
C GLY A 282 -25.87 10.13 -24.27
N LEU A 283 -25.83 11.15 -23.41
CA LEU A 283 -25.97 11.05 -21.94
C LEU A 283 -27.29 11.74 -21.55
N SER A 284 -27.96 11.22 -20.54
CA SER A 284 -29.29 11.67 -20.08
C SER A 284 -29.27 11.77 -18.57
N CYS A 285 -30.39 12.17 -17.95
CA CYS A 285 -30.56 12.20 -16.48
C CYS A 285 -31.43 11.04 -16.05
N PRO A 286 -30.92 10.11 -15.23
CA PRO A 286 -31.73 9.05 -14.63
C PRO A 286 -33.08 9.47 -14.03
N TRP A 287 -33.18 10.70 -13.53
CA TRP A 287 -34.38 11.26 -12.84
C TRP A 287 -35.34 11.85 -13.89
N LYS A 288 -34.94 11.80 -15.17
CA LYS A 288 -35.77 11.96 -16.40
C LYS A 288 -36.11 13.43 -16.71
N VAL A 289 -35.55 14.41 -15.98
CA VAL A 289 -35.60 15.86 -16.32
C VAL A 289 -34.25 16.29 -16.88
N PRO A 290 -34.18 16.65 -18.17
CA PRO A 290 -32.90 16.97 -18.80
C PRO A 290 -32.40 18.36 -18.43
N PRO A 291 -31.09 18.65 -18.67
CA PRO A 291 -30.58 20.01 -18.60
C PRO A 291 -31.27 20.80 -19.72
N ARG A 292 -31.46 22.10 -19.55
CA ARG A 292 -31.95 22.99 -20.64
C ARG A 292 -30.92 24.11 -20.80
N THR A 293 -30.61 24.48 -22.05
CA THR A 293 -29.78 25.69 -22.34
C THR A 293 -30.33 26.84 -21.50
N ILE A 294 -29.45 27.62 -20.86
CA ILE A 294 -29.83 28.81 -20.06
C ILE A 294 -30.06 29.97 -21.04
N SER A 295 -31.25 30.57 -20.97
CA SER A 295 -31.70 31.73 -21.81
C SER A 295 -32.17 32.86 -20.89
N ASP A 296 -32.27 34.07 -21.43
CA ASP A 296 -32.81 35.23 -20.69
C ASP A 296 -34.24 34.87 -20.25
N GLN A 297 -34.91 33.97 -20.98
N GLN A 297 -34.95 34.06 -21.05
CA GLN A 297 -36.32 33.56 -20.75
CA GLN A 297 -36.30 33.49 -20.75
C GLN A 297 -36.45 32.56 -19.57
C GLN A 297 -36.30 32.80 -19.37
N ASN A 298 -35.40 31.83 -19.18
CA ASN A 298 -35.48 30.84 -18.07
C ASN A 298 -34.40 31.06 -17.01
N VAL A 299 -33.48 32.04 -17.13
CA VAL A 299 -32.28 32.08 -16.23
C VAL A 299 -32.74 32.32 -14.79
N ALA A 300 -33.82 33.09 -14.59
CA ALA A 300 -34.37 33.50 -13.27
C ALA A 300 -34.83 32.25 -12.50
N ALA A 301 -35.47 31.33 -13.20
CA ALA A 301 -36.10 30.12 -12.64
C ALA A 301 -35.04 29.04 -12.38
N ARG A 302 -34.07 28.92 -13.29
CA ARG A 302 -32.93 27.96 -13.19
C ARG A 302 -32.04 28.40 -12.02
N SER A 303 -31.74 29.68 -11.92
CA SER A 303 -30.86 30.23 -10.86
C SER A 303 -31.53 30.04 -9.50
N ASP A 304 -32.84 30.26 -9.41
CA ASP A 304 -33.62 30.05 -8.16
C ASP A 304 -33.44 28.59 -7.71
N LEU A 305 -33.68 27.65 -8.62
CA LEU A 305 -33.58 26.19 -8.42
C LEU A 305 -32.16 25.80 -7.97
N LEU A 306 -31.13 26.36 -8.61
CA LEU A 306 -29.70 26.01 -8.42
C LEU A 306 -29.19 26.60 -7.10
N VAL A 307 -29.45 27.87 -6.87
CA VAL A 307 -29.00 28.58 -5.63
C VAL A 307 -29.68 27.94 -4.42
N ASP A 308 -30.92 27.48 -4.58
CA ASP A 308 -31.63 26.75 -3.49
C ASP A 308 -30.83 25.49 -3.11
N GLN A 309 -30.37 24.73 -4.11
CA GLN A 309 -29.46 23.56 -3.93
C GLN A 309 -28.16 23.99 -3.21
N TRP A 310 -27.50 25.04 -3.70
CA TRP A 310 -26.26 25.57 -3.09
C TRP A 310 -26.52 25.87 -1.62
N LYS A 311 -27.59 26.60 -1.30
CA LYS A 311 -27.83 27.07 0.08
C LYS A 311 -28.17 25.89 1.00
N LYS A 312 -28.80 24.84 0.45
CA LYS A 312 -29.01 23.58 1.22
C LYS A 312 -27.66 22.93 1.46
N LYS A 313 -26.77 22.88 0.47
CA LYS A 313 -25.44 22.26 0.69
C LYS A 313 -24.67 23.07 1.75
N ALA A 314 -24.71 24.40 1.68
CA ALA A 314 -23.98 25.29 2.63
C ALA A 314 -24.41 25.04 4.08
N GLU A 315 -25.64 24.58 4.34
CA GLU A 315 -26.15 24.35 5.72
C GLU A 315 -25.31 23.27 6.40
N LEU A 316 -24.79 22.32 5.63
CA LEU A 316 -23.98 21.17 6.12
C LEU A 316 -22.56 21.58 6.54
N TYR A 317 -22.15 22.84 6.28
CA TYR A 317 -20.76 23.35 6.43
C TYR A 317 -20.77 24.64 7.26
N ARG A 318 -19.64 25.00 7.84
CA ARG A 318 -19.61 26.04 8.92
C ARG A 318 -19.26 27.44 8.36
N THR A 319 -18.82 27.58 7.12
CA THR A 319 -18.43 28.93 6.59
C THR A 319 -19.45 29.36 5.56
N ASN A 320 -19.32 30.58 5.04
CA ASN A 320 -20.23 31.11 4.00
C ASN A 320 -19.55 30.88 2.65
N VAL A 321 -18.59 29.94 2.60
CA VAL A 321 -17.81 29.55 1.39
C VAL A 321 -18.18 28.11 1.02
N LEU A 322 -18.53 27.88 -0.24
CA LEU A 322 -19.13 26.62 -0.70
C LEU A 322 -18.32 26.11 -1.88
N LEU A 323 -17.95 24.83 -1.80
CA LEU A 323 -17.28 24.05 -2.87
C LEU A 323 -18.32 23.27 -3.68
N ILE A 324 -18.32 23.51 -5.00
CA ILE A 324 -19.18 22.85 -6.00
C ILE A 324 -18.27 22.30 -7.09
N PRO A 325 -17.77 21.05 -6.93
CA PRO A 325 -17.10 20.36 -8.01
C PRO A 325 -18.06 20.31 -9.21
N LEU A 326 -17.50 20.44 -10.41
CA LEU A 326 -18.22 20.30 -11.69
C LEU A 326 -17.43 19.32 -12.55
N GLY A 327 -17.70 18.02 -12.37
CA GLY A 327 -17.11 17.02 -13.28
C GLY A 327 -17.52 15.60 -12.98
N ASP A 328 -16.80 14.70 -13.63
CA ASP A 328 -17.11 13.26 -13.71
C ASP A 328 -15.95 12.55 -14.41
N ASP A 329 -16.11 11.26 -14.63
CA ASP A 329 -15.06 10.44 -15.26
C ASP A 329 -14.80 10.94 -16.68
N PHE A 330 -13.53 11.21 -16.96
CA PHE A 330 -12.99 11.64 -18.27
C PHE A 330 -13.86 12.73 -18.89
N ARG A 331 -14.28 13.71 -18.09
CA ARG A 331 -15.02 14.88 -18.64
C ARG A 331 -14.05 15.89 -19.27
N PHE A 332 -14.63 16.81 -20.04
CA PHE A 332 -13.92 17.91 -20.74
C PHE A 332 -13.05 17.33 -21.83
N LYS A 333 -13.57 16.31 -22.51
N LYS A 333 -13.57 16.31 -22.51
CA LYS A 333 -12.90 15.66 -23.66
CA LYS A 333 -12.90 15.66 -23.66
C LYS A 333 -13.19 16.48 -24.92
C LYS A 333 -13.19 16.48 -24.92
N GLN A 334 -14.47 16.63 -25.29
CA GLN A 334 -14.87 17.36 -26.51
C GLN A 334 -14.83 18.87 -26.24
N ASN A 335 -14.49 19.62 -27.27
CA ASN A 335 -14.37 21.10 -27.27
C ASN A 335 -15.73 21.73 -26.93
N THR A 336 -16.82 21.14 -27.41
CA THR A 336 -18.20 21.67 -27.22
C THR A 336 -18.66 21.43 -25.77
N GLU A 337 -18.11 20.43 -25.07
CA GLU A 337 -18.48 20.19 -23.65
C GLU A 337 -17.93 21.36 -22.85
N TRP A 338 -16.68 21.74 -23.11
CA TRP A 338 -16.06 22.97 -22.57
C TRP A 338 -16.97 24.19 -22.81
N ASP A 339 -17.58 24.29 -23.99
CA ASP A 339 -18.40 25.47 -24.37
C ASP A 339 -19.70 25.42 -23.60
N VAL A 340 -20.38 24.29 -23.69
CA VAL A 340 -21.75 24.11 -23.13
C VAL A 340 -21.64 24.21 -21.60
N GLN A 341 -20.58 23.69 -20.99
CA GLN A 341 -20.47 23.79 -19.51
C GLN A 341 -20.18 25.24 -19.15
N ARG A 342 -19.17 25.85 -19.79
CA ARG A 342 -18.66 27.22 -19.48
C ARG A 342 -19.73 28.30 -19.72
N VAL A 343 -20.37 28.28 -20.88
CA VAL A 343 -21.29 29.36 -21.38
C VAL A 343 -22.57 29.35 -20.52
N ASN A 344 -23.22 28.21 -20.35
CA ASN A 344 -24.41 28.09 -19.47
C ASN A 344 -24.06 28.54 -18.05
N TYR A 345 -22.90 28.18 -17.47
CA TYR A 345 -22.57 28.57 -16.06
C TYR A 345 -22.26 30.07 -15.98
N GLU A 346 -21.63 30.62 -17.02
CA GLU A 346 -21.41 32.09 -17.18
C GLU A 346 -22.76 32.82 -17.09
N ARG A 347 -23.75 32.40 -17.86
CA ARG A 347 -25.08 33.05 -17.88
C ARG A 347 -25.67 33.00 -16.48
N LEU A 348 -25.57 31.85 -15.82
CA LEU A 348 -26.13 31.66 -14.47
C LEU A 348 -25.43 32.61 -13.51
N PHE A 349 -24.09 32.63 -13.53
CA PHE A 349 -23.26 33.47 -12.64
C PHE A 349 -23.58 34.94 -12.87
N GLU A 350 -23.73 35.30 -14.15
CA GLU A 350 -24.03 36.69 -14.61
C GLU A 350 -25.35 37.10 -13.93
N HIS A 351 -26.37 36.25 -14.01
CA HIS A 351 -27.72 36.54 -13.48
C HIS A 351 -27.68 36.61 -11.96
N ILE A 352 -27.08 35.60 -11.35
CA ILE A 352 -27.10 35.38 -9.88
C ILE A 352 -26.35 36.51 -9.21
N ASN A 353 -25.20 36.90 -9.76
CA ASN A 353 -24.31 37.91 -9.14
C ASN A 353 -24.93 39.30 -9.32
N SER A 354 -25.59 39.58 -10.44
CA SER A 354 -26.30 40.87 -10.74
C SER A 354 -27.59 41.05 -9.90
N GLN A 355 -28.13 39.97 -9.30
CA GLN A 355 -29.46 39.94 -8.64
C GLN A 355 -29.28 39.85 -7.11
N ALA A 356 -29.42 40.98 -6.43
CA ALA A 356 -29.10 41.14 -5.00
C ALA A 356 -29.91 40.18 -4.13
N HIS A 357 -31.18 39.87 -4.46
CA HIS A 357 -32.09 38.99 -3.65
C HIS A 357 -31.47 37.59 -3.40
N PHE A 358 -30.56 37.09 -4.26
CA PHE A 358 -29.81 35.83 -4.01
C PHE A 358 -28.78 36.03 -2.88
N ASN A 359 -28.11 37.19 -2.84
CA ASN A 359 -26.99 37.41 -1.90
C ASN A 359 -25.97 36.26 -2.08
N VAL A 360 -25.59 36.03 -3.33
CA VAL A 360 -24.56 35.07 -3.76
C VAL A 360 -23.55 35.80 -4.64
N GLN A 361 -22.26 35.56 -4.41
CA GLN A 361 -21.16 35.71 -5.41
C GLN A 361 -20.72 34.32 -5.87
N ALA A 362 -20.99 33.95 -7.12
CA ALA A 362 -20.65 32.64 -7.71
C ALA A 362 -19.67 32.83 -8.89
N GLN A 363 -18.70 31.92 -9.01
CA GLN A 363 -17.61 31.98 -10.02
C GLN A 363 -16.90 30.63 -10.11
N PHE A 364 -16.36 30.35 -11.30
CA PHE A 364 -15.34 29.31 -11.53
C PHE A 364 -14.16 29.55 -10.57
N GLY A 365 -13.67 28.48 -9.96
CA GLY A 365 -12.61 28.54 -8.94
C GLY A 365 -11.78 27.26 -8.91
N THR A 366 -10.70 27.26 -8.16
CA THR A 366 -9.90 26.06 -7.89
C THR A 366 -10.07 25.61 -6.43
N LEU A 367 -9.49 24.46 -6.10
CA LEU A 367 -9.61 23.85 -4.76
C LEU A 367 -8.87 24.72 -3.73
N GLN A 368 -7.65 25.14 -4.05
CA GLN A 368 -6.82 26.05 -3.21
C GLN A 368 -7.63 27.33 -2.91
N GLU A 369 -8.25 27.92 -3.93
CA GLU A 369 -9.13 29.11 -3.78
C GLU A 369 -10.17 28.82 -2.70
N TYR A 370 -10.84 27.67 -2.76
CA TYR A 370 -11.89 27.27 -1.76
C TYR A 370 -11.26 27.34 -0.37
N PHE A 371 -10.16 26.60 -0.18
CA PHE A 371 -9.52 26.40 1.15
C PHE A 371 -9.00 27.74 1.67
N ASP A 372 -8.39 28.56 0.81
CA ASP A 372 -7.91 29.92 1.18
C ASP A 372 -9.10 30.67 1.80
N ALA A 373 -10.19 30.79 1.05
CA ALA A 373 -11.44 31.46 1.44
C ALA A 373 -11.93 30.91 2.80
N VAL A 374 -11.92 29.59 2.97
CA VAL A 374 -12.43 28.95 4.22
C VAL A 374 -11.55 29.36 5.41
N HIS A 375 -10.22 29.40 5.20
N HIS A 375 -10.23 29.47 5.21
CA HIS A 375 -9.20 29.81 6.22
CA HIS A 375 -9.31 29.80 6.34
C HIS A 375 -9.45 31.29 6.57
C HIS A 375 -9.32 31.31 6.58
N GLN A 376 -9.58 32.15 5.56
CA GLN A 376 -9.90 33.58 5.80
C GLN A 376 -11.13 33.65 6.69
N ALA A 377 -12.18 32.88 6.40
CA ALA A 377 -13.40 32.84 7.25
C ALA A 377 -13.04 32.39 8.68
N GLU A 378 -12.09 31.48 8.86
CA GLU A 378 -11.68 30.93 10.21
C GLU A 378 -10.95 32.01 11.01
N ARG A 379 -9.97 32.67 10.38
CA ARG A 379 -9.22 33.85 10.88
C ARG A 379 -10.19 34.92 11.36
N ALA A 380 -11.13 35.32 10.50
CA ALA A 380 -12.15 36.36 10.79
C ALA A 380 -13.04 35.89 11.93
N GLY A 381 -12.91 34.63 12.39
CA GLY A 381 -13.66 34.08 13.53
C GLY A 381 -15.10 33.74 13.16
N GLN A 382 -15.40 33.67 11.86
CA GLN A 382 -16.71 33.26 11.28
C GLN A 382 -17.03 31.79 11.63
N ALA A 383 -16.03 30.94 11.93
CA ALA A 383 -16.18 29.49 12.16
C ALA A 383 -15.01 28.90 12.94
N GLU A 384 -15.28 27.90 13.77
CA GLU A 384 -14.27 27.12 14.54
C GLU A 384 -14.50 25.62 14.26
N PHE A 385 -13.46 24.89 13.84
CA PHE A 385 -13.57 23.53 13.23
C PHE A 385 -13.26 22.46 14.27
N PRO A 386 -13.96 21.31 14.19
CA PRO A 386 -13.76 20.21 15.13
C PRO A 386 -12.53 19.36 14.73
N THR A 387 -11.98 18.61 15.69
CA THR A 387 -10.81 17.71 15.53
C THR A 387 -11.33 16.28 15.37
N LEU A 388 -10.64 15.49 14.54
CA LEU A 388 -11.02 14.06 14.32
C LEU A 388 -9.75 13.18 14.29
N SER A 389 -9.84 12.02 14.93
CA SER A 389 -8.90 10.87 14.77
C SER A 389 -9.70 9.66 14.27
N GLY A 390 -9.07 8.77 13.49
CA GLY A 390 -9.65 7.49 13.03
C GLY A 390 -9.47 7.31 11.53
N ASP A 391 -10.07 6.27 10.99
CA ASP A 391 -10.04 5.99 9.54
C ASP A 391 -11.49 5.99 9.03
N PHE A 392 -11.67 5.70 7.76
CA PHE A 392 -12.99 5.66 7.09
C PHE A 392 -13.10 4.35 6.31
N PHE A 393 -12.87 3.24 6.99
CA PHE A 393 -13.04 1.84 6.50
C PHE A 393 -13.98 1.14 7.49
N THR A 394 -14.81 0.20 7.07
CA THR A 394 -15.00 -0.16 5.68
C THR A 394 -16.11 0.71 5.10
N TYR A 395 -15.87 1.21 3.88
CA TYR A 395 -16.76 2.08 3.09
C TYR A 395 -18.01 1.29 2.65
N ALA A 396 -19.20 1.87 2.82
CA ALA A 396 -20.45 1.38 2.19
C ALA A 396 -21.09 2.54 1.43
N ASP A 397 -21.38 2.35 0.13
CA ASP A 397 -22.02 3.41 -0.70
C ASP A 397 -23.55 3.37 -0.56
N ARG A 398 -24.12 2.21 -0.17
CA ARG A 398 -25.57 2.04 0.12
C ARG A 398 -25.87 0.69 0.76
N SER A 399 -27.06 0.58 1.38
CA SER A 399 -27.57 -0.59 2.15
C SER A 399 -26.44 -1.36 2.84
N ASP A 400 -26.09 -2.55 2.35
CA ASP A 400 -25.12 -3.45 3.03
C ASP A 400 -23.95 -3.70 2.06
N ASN A 401 -23.78 -2.80 1.08
CA ASN A 401 -22.78 -2.95 0.00
C ASN A 401 -21.48 -2.38 0.52
N TYR A 402 -20.81 -3.13 1.41
CA TYR A 402 -19.46 -2.81 1.97
C TYR A 402 -18.38 -3.25 0.98
N TRP A 403 -17.37 -2.40 0.78
CA TRP A 403 -16.29 -2.59 -0.24
C TRP A 403 -15.09 -3.25 0.44
N SER A 404 -15.26 -4.41 1.09
CA SER A 404 -14.17 -5.19 1.72
C SER A 404 -13.62 -6.25 0.75
N GLY A 405 -14.22 -6.39 -0.43
CA GLY A 405 -13.79 -7.39 -1.43
C GLY A 405 -12.44 -7.05 -2.01
N TYR A 406 -12.18 -5.77 -2.25
CA TYR A 406 -10.97 -5.32 -2.98
C TYR A 406 -9.76 -5.36 -2.04
N TYR A 407 -9.99 -5.60 -0.74
CA TYR A 407 -8.90 -5.87 0.22
C TYR A 407 -8.19 -7.18 -0.16
N THR A 408 -8.79 -7.99 -1.02
CA THR A 408 -8.23 -9.32 -1.42
C THR A 408 -8.15 -9.46 -2.94
N SER A 409 -9.01 -8.80 -3.72
CA SER A 409 -9.10 -9.01 -5.19
C SER A 409 -7.71 -8.98 -5.85
N ARG A 410 -7.45 -9.91 -6.77
CA ARG A 410 -6.19 -10.08 -7.55
C ARG A 410 -5.00 -10.16 -6.61
N PRO A 411 -4.98 -11.17 -5.71
CA PRO A 411 -4.01 -11.20 -4.62
C PRO A 411 -2.58 -11.43 -5.11
N TYR A 412 -2.40 -11.98 -6.33
CA TYR A 412 -1.08 -12.17 -6.98
C TYR A 412 -0.33 -10.83 -7.09
N HIS A 413 -1.02 -9.79 -7.60
CA HIS A 413 -0.45 -8.44 -7.86
C HIS A 413 -0.36 -7.67 -6.55
N LYS A 414 -1.21 -8.01 -5.58
CA LYS A 414 -1.11 -7.44 -4.20
C LYS A 414 0.21 -7.90 -3.61
N ARG A 415 0.54 -9.17 -3.84
CA ARG A 415 1.82 -9.77 -3.37
C ARG A 415 2.99 -9.13 -4.14
N MET A 416 2.80 -8.97 -5.44
CA MET A 416 3.83 -8.44 -6.36
C MET A 416 4.19 -7.00 -5.96
N ASP A 417 3.19 -6.23 -5.56
CA ASP A 417 3.38 -4.85 -5.02
C ASP A 417 4.48 -4.87 -3.96
N ARG A 418 4.36 -5.70 -2.93
CA ARG A 418 5.30 -5.72 -1.78
C ARG A 418 6.70 -6.14 -2.20
N VAL A 419 6.82 -7.08 -3.13
CA VAL A 419 8.14 -7.54 -3.68
C VAL A 419 8.76 -6.37 -4.43
N LEU A 420 8.03 -5.72 -5.34
CA LEU A 420 8.59 -4.56 -6.09
C LEU A 420 8.92 -3.42 -5.12
N MET A 421 8.11 -3.24 -4.10
CA MET A 421 8.37 -2.21 -3.08
C MET A 421 9.81 -2.34 -2.58
N HIS A 422 10.16 -3.56 -2.17
CA HIS A 422 11.49 -3.89 -1.63
C HIS A 422 12.58 -3.75 -2.70
N TYR A 423 12.37 -4.27 -3.90
CA TYR A 423 13.39 -4.25 -4.98
C TYR A 423 13.72 -2.78 -5.34
N VAL A 424 12.74 -1.88 -5.29
CA VAL A 424 12.99 -0.44 -5.59
C VAL A 424 13.80 0.15 -4.43
N ARG A 425 13.38 -0.09 -3.19
CA ARG A 425 14.18 0.36 -2.02
C ARG A 425 15.62 -0.16 -2.14
N ALA A 426 15.82 -1.47 -2.39
CA ALA A 426 17.17 -2.07 -2.43
C ALA A 426 18.00 -1.46 -3.56
N ALA A 427 17.43 -1.38 -4.77
CA ALA A 427 18.07 -0.82 -5.99
C ALA A 427 18.50 0.62 -5.76
N GLU A 428 17.63 1.42 -5.17
CA GLU A 428 17.90 2.86 -4.90
C GLU A 428 18.99 2.95 -3.84
N MET A 429 18.93 2.14 -2.80
CA MET A 429 19.92 2.17 -1.69
C MET A 429 21.29 1.74 -2.23
N LEU A 430 21.39 0.62 -2.93
CA LEU A 430 22.70 0.05 -3.37
C LEU A 430 23.41 1.01 -4.32
N SER A 431 22.66 1.55 -5.31
CA SER A 431 23.16 2.46 -6.37
C SER A 431 23.36 3.87 -5.82
N ALA A 432 22.94 4.13 -4.58
CA ALA A 432 22.99 5.48 -3.98
C ALA A 432 24.40 5.76 -3.45
N TRP A 433 25.13 4.71 -3.03
CA TRP A 433 26.48 4.84 -2.40
C TRP A 433 27.43 5.59 -3.35
N HIS A 434 27.24 5.48 -4.67
CA HIS A 434 28.13 6.03 -5.73
C HIS A 434 27.39 6.87 -6.78
N SER A 435 28.08 7.87 -7.35
CA SER A 435 27.70 8.55 -8.61
CA SER A 435 27.71 8.55 -8.62
C SER A 435 27.94 7.57 -9.76
N TRP A 436 27.03 7.47 -10.72
CA TRP A 436 27.21 6.58 -11.89
C TRP A 436 27.38 7.37 -13.19
N ASP A 437 28.15 6.82 -14.13
CA ASP A 437 28.26 7.34 -15.51
C ASP A 437 26.93 7.06 -16.20
N GLY A 438 26.40 8.04 -16.94
CA GLY A 438 25.12 7.98 -17.66
C GLY A 438 25.08 6.84 -18.66
N MET A 439 26.23 6.40 -19.19
CA MET A 439 26.29 5.17 -20.04
C MET A 439 25.74 3.98 -19.24
N ALA A 440 25.84 3.97 -17.90
CA ALA A 440 25.35 2.87 -17.01
C ALA A 440 23.82 2.79 -17.01
N ARG A 441 23.12 3.90 -17.29
CA ARG A 441 21.63 4.00 -17.36
C ARG A 441 21.00 3.57 -16.00
N ILE A 442 21.58 3.97 -14.87
CA ILE A 442 21.05 3.69 -13.50
C ILE A 442 19.76 4.52 -13.36
N GLU A 443 19.87 5.84 -13.57
CA GLU A 443 18.75 6.81 -13.49
C GLU A 443 17.60 6.37 -14.41
N GLU A 444 17.85 5.97 -15.65
CA GLU A 444 16.76 5.49 -16.55
C GLU A 444 16.01 4.34 -15.85
N ARG A 445 16.74 3.36 -15.33
CA ARG A 445 16.18 2.11 -14.78
C ARG A 445 15.34 2.43 -13.53
N LEU A 446 15.89 3.19 -12.59
CA LEU A 446 15.22 3.56 -11.33
C LEU A 446 13.95 4.40 -11.61
N GLU A 447 14.00 5.32 -12.57
CA GLU A 447 12.82 6.11 -12.99
C GLU A 447 11.74 5.15 -13.54
N GLN A 448 12.06 4.24 -14.44
CA GLN A 448 11.08 3.23 -14.89
C GLN A 448 10.52 2.48 -13.67
N ALA A 449 11.38 2.00 -12.77
CA ALA A 449 10.95 1.13 -11.66
C ALA A 449 10.02 1.94 -10.74
N ARG A 450 10.44 3.10 -10.23
CA ARG A 450 9.58 4.02 -9.44
C ARG A 450 8.22 4.26 -10.13
N ARG A 451 8.18 4.38 -11.45
CA ARG A 451 6.97 4.86 -12.12
C ARG A 451 5.98 3.72 -12.30
N GLU A 452 6.46 2.51 -12.60
CA GLU A 452 5.56 1.34 -12.76
C GLU A 452 4.98 1.03 -11.37
N LEU A 453 5.79 1.07 -10.32
CA LEU A 453 5.30 0.83 -8.94
C LEU A 453 4.33 1.96 -8.55
N SER A 454 4.67 3.21 -8.87
CA SER A 454 3.81 4.38 -8.59
C SER A 454 2.46 4.20 -9.29
N LEU A 455 2.47 3.88 -10.57
CA LEU A 455 1.23 3.60 -11.34
C LEU A 455 0.36 2.53 -10.66
N PHE A 456 0.96 1.48 -10.10
CA PHE A 456 0.21 0.35 -9.49
C PHE A 456 -0.49 0.77 -8.18
N GLN A 457 -0.07 1.88 -7.57
CA GLN A 457 -0.71 2.42 -6.37
C GLN A 457 -2.09 2.96 -6.71
N HIS A 458 -2.40 3.19 -7.99
CA HIS A 458 -3.73 3.64 -8.46
C HIS A 458 -4.85 2.82 -7.81
N HIS A 459 -5.98 3.45 -7.53
CA HIS A 459 -7.16 2.84 -6.85
C HIS A 459 -7.87 1.85 -7.78
N ASP A 460 -7.35 1.57 -8.98
CA ASP A 460 -7.79 0.39 -9.77
C ASP A 460 -6.60 -0.54 -10.06
N GLY A 461 -5.42 -0.26 -9.48
CA GLY A 461 -4.21 -1.10 -9.57
C GLY A 461 -4.16 -2.15 -8.47
N ILE A 462 -3.57 -1.80 -7.33
CA ILE A 462 -3.34 -2.69 -6.17
C ILE A 462 -4.67 -3.26 -5.65
N THR A 463 -5.77 -2.54 -5.87
CA THR A 463 -7.14 -2.93 -5.46
C THR A 463 -7.62 -4.20 -6.20
N GLY A 464 -7.11 -4.50 -7.39
CA GLY A 464 -7.64 -5.58 -8.24
C GLY A 464 -9.05 -5.27 -8.73
N THR A 465 -9.31 -4.04 -9.16
CA THR A 465 -10.65 -3.62 -9.63
C THR A 465 -10.62 -3.17 -11.11
N ALA A 466 -9.63 -3.61 -11.86
CA ALA A 466 -9.44 -3.32 -13.30
C ALA A 466 -9.83 -4.54 -14.14
N LYS A 467 -10.08 -4.33 -15.43
CA LYS A 467 -10.42 -5.41 -16.39
C LYS A 467 -9.20 -6.31 -16.54
N THR A 468 -9.42 -7.55 -16.95
CA THR A 468 -8.38 -8.60 -17.10
C THR A 468 -7.17 -8.03 -17.88
N HIS A 469 -7.39 -7.38 -19.04
CA HIS A 469 -6.27 -6.95 -19.92
C HIS A 469 -5.45 -5.82 -19.25
N VAL A 470 -6.07 -5.05 -18.35
CA VAL A 470 -5.42 -3.90 -17.64
C VAL A 470 -4.52 -4.46 -16.52
N VAL A 471 -5.04 -5.43 -15.77
CA VAL A 471 -4.26 -6.17 -14.75
C VAL A 471 -3.00 -6.75 -15.41
N VAL A 472 -3.16 -7.29 -16.63
CA VAL A 472 -2.04 -7.84 -17.45
C VAL A 472 -1.03 -6.73 -17.72
N ASP A 473 -1.49 -5.55 -18.17
CA ASP A 473 -0.58 -4.39 -18.36
C ASP A 473 0.16 -4.11 -17.04
N TYR A 474 -0.55 -4.00 -15.91
CA TYR A 474 0.08 -3.68 -14.61
C TYR A 474 1.18 -4.72 -14.31
N GLU A 475 0.85 -5.99 -14.51
CA GLU A 475 1.79 -7.12 -14.26
C GLU A 475 3.03 -6.98 -15.14
N GLN A 476 2.85 -6.73 -16.45
CA GLN A 476 4.00 -6.62 -17.39
C GLN A 476 4.85 -5.40 -17.02
N ARG A 477 4.23 -4.30 -16.61
CA ARG A 477 5.00 -3.09 -16.21
C ARG A 477 5.82 -3.40 -14.95
N MET A 478 5.23 -4.09 -13.97
CA MET A 478 5.91 -4.40 -12.67
C MET A 478 7.03 -5.44 -12.92
N GLN A 479 6.79 -6.37 -13.84
CA GLN A 479 7.80 -7.35 -14.31
C GLN A 479 9.02 -6.59 -14.84
N GLU A 480 8.78 -5.62 -15.72
CA GLU A 480 9.85 -4.81 -16.36
C GLU A 480 10.60 -4.05 -15.25
N ALA A 481 9.86 -3.49 -14.30
CA ALA A 481 10.44 -2.73 -13.15
C ALA A 481 11.32 -3.63 -12.28
N LEU A 482 10.86 -4.87 -12.01
CA LEU A 482 11.66 -5.87 -11.25
C LEU A 482 13.00 -6.13 -11.98
N LYS A 483 12.98 -6.31 -13.30
CA LYS A 483 14.21 -6.57 -14.10
C LYS A 483 15.10 -5.31 -14.05
N ALA A 484 14.51 -4.12 -14.06
CA ALA A 484 15.32 -2.88 -13.97
C ALA A 484 16.04 -2.83 -12.61
N CYS A 485 15.33 -3.08 -11.51
CA CYS A 485 15.93 -3.12 -10.15
C CYS A 485 17.06 -4.16 -10.08
N GLN A 486 16.84 -5.36 -10.62
CA GLN A 486 17.85 -6.46 -10.57
C GLN A 486 19.15 -5.95 -11.20
N MET A 487 19.05 -5.36 -12.40
CA MET A 487 20.22 -4.83 -13.15
C MET A 487 20.96 -3.78 -12.30
N VAL A 488 20.24 -2.85 -11.67
CA VAL A 488 20.85 -1.78 -10.80
C VAL A 488 21.53 -2.45 -9.60
N MET A 489 20.85 -3.42 -8.97
CA MET A 489 21.34 -4.06 -7.73
C MET A 489 22.63 -4.83 -8.03
N GLN A 490 22.66 -5.62 -9.10
CA GLN A 490 23.82 -6.51 -9.39
C GLN A 490 25.03 -5.66 -9.81
N GLN A 491 24.83 -4.67 -10.68
CA GLN A 491 25.87 -3.65 -11.03
C GLN A 491 26.39 -3.06 -9.72
N SER A 492 25.49 -2.62 -8.84
CA SER A 492 25.85 -1.91 -7.58
C SER A 492 26.73 -2.82 -6.71
N VAL A 493 26.36 -4.09 -6.60
CA VAL A 493 26.99 -5.02 -5.62
C VAL A 493 28.40 -5.29 -6.12
N TYR A 494 28.52 -5.54 -7.44
CA TYR A 494 29.81 -5.81 -8.10
C TYR A 494 30.75 -4.63 -7.83
N ARG A 495 30.23 -3.42 -7.92
CA ARG A 495 31.05 -2.21 -7.66
C ARG A 495 31.41 -2.14 -6.18
N LEU A 496 30.50 -2.51 -5.26
CA LEU A 496 30.73 -2.32 -3.81
C LEU A 496 31.71 -3.38 -3.29
N LEU A 497 31.86 -4.52 -3.97
CA LEU A 497 32.67 -5.64 -3.42
C LEU A 497 33.81 -6.07 -4.36
N THR A 498 34.11 -5.29 -5.41
CA THR A 498 35.29 -5.50 -6.30
C THR A 498 36.36 -4.49 -5.89
N LYS A 499 37.62 -4.91 -5.76
CA LYS A 499 38.75 -4.00 -5.41
C LYS A 499 38.70 -2.80 -6.35
N PRO A 500 38.77 -1.55 -5.85
CA PRO A 500 38.80 -0.37 -6.72
C PRO A 500 39.88 -0.50 -7.83
N SER A 501 41.07 -1.02 -7.49
CA SER A 501 42.23 -1.17 -8.40
C SER A 501 41.91 -2.11 -9.58
N ILE A 502 40.92 -2.99 -9.44
CA ILE A 502 40.49 -3.98 -10.48
C ILE A 502 39.16 -3.54 -11.16
N TYR A 503 38.27 -2.88 -10.41
CA TYR A 503 36.86 -2.61 -10.82
C TYR A 503 36.89 -1.96 -12.20
N SER A 504 36.38 -2.63 -13.23
CA SER A 504 36.42 -2.16 -14.63
C SER A 504 35.15 -2.60 -15.35
N PRO A 505 34.00 -1.96 -15.04
CA PRO A 505 32.70 -2.53 -15.41
C PRO A 505 32.29 -2.49 -16.88
N ASP A 506 31.60 -3.55 -17.29
CA ASP A 506 30.70 -3.58 -18.47
C ASP A 506 29.25 -3.36 -17.99
N PHE A 507 28.75 -2.14 -18.17
CA PHE A 507 27.43 -1.69 -17.69
C PHE A 507 26.31 -2.50 -18.33
N SER A 508 26.57 -3.33 -19.33
CA SER A 508 25.55 -4.19 -19.97
C SER A 508 25.64 -5.63 -19.44
N PHE A 509 26.55 -5.94 -18.53
CA PHE A 509 26.89 -7.34 -18.18
C PHE A 509 26.26 -7.73 -16.83
N SER A 510 25.80 -8.98 -16.76
CA SER A 510 25.21 -9.60 -15.55
CA SER A 510 25.20 -9.60 -15.55
C SER A 510 26.31 -10.27 -14.73
N TYR A 511 26.84 -9.54 -13.74
CA TYR A 511 27.87 -10.03 -12.78
C TYR A 511 27.24 -10.98 -11.77
N PHE A 512 26.03 -10.65 -11.29
CA PHE A 512 25.20 -11.54 -10.43
C PHE A 512 23.80 -11.72 -11.00
N THR A 513 23.18 -12.90 -10.82
CA THR A 513 21.71 -13.07 -10.92
C THR A 513 21.17 -13.10 -9.50
N LEU A 514 19.95 -12.61 -9.28
CA LEU A 514 19.33 -12.59 -7.94
C LEU A 514 18.67 -13.94 -7.70
N ASP A 515 18.70 -14.43 -6.47
CA ASP A 515 17.94 -15.63 -6.05
C ASP A 515 16.87 -15.14 -5.09
N ASP A 516 15.61 -15.41 -5.40
CA ASP A 516 14.46 -15.07 -4.55
C ASP A 516 13.65 -16.33 -4.34
N SER A 517 13.63 -16.82 -3.11
CA SER A 517 12.88 -18.06 -2.73
C SER A 517 11.41 -17.73 -2.39
N ARG A 518 10.97 -16.48 -2.49
CA ARG A 518 9.61 -16.10 -2.02
C ARG A 518 8.78 -15.45 -3.12
N TRP A 519 9.39 -14.95 -4.19
CA TRP A 519 8.68 -14.44 -5.38
C TRP A 519 9.36 -14.96 -6.65
N PRO A 520 8.64 -15.61 -7.59
CA PRO A 520 7.20 -15.87 -7.47
C PRO A 520 6.83 -17.02 -6.51
N GLY A 521 7.83 -17.78 -6.07
CA GLY A 521 7.69 -19.08 -5.39
C GLY A 521 7.77 -20.23 -6.37
N SER A 522 8.71 -21.17 -6.17
CA SER A 522 8.80 -22.46 -6.91
C SER A 522 7.53 -23.24 -6.56
N GLY A 523 6.67 -23.46 -7.54
CA GLY A 523 5.28 -23.92 -7.32
C GLY A 523 4.30 -22.95 -7.94
N VAL A 524 4.69 -21.69 -8.03
CA VAL A 524 4.06 -20.72 -8.98
C VAL A 524 4.85 -20.83 -10.29
N GLU A 525 6.15 -20.51 -10.26
CA GLU A 525 7.07 -20.71 -11.40
C GLU A 525 8.36 -21.35 -10.88
N ASP A 526 8.71 -22.49 -11.48
CA ASP A 526 9.92 -23.31 -11.19
C ASP A 526 11.12 -22.65 -11.87
N SER A 527 11.57 -21.50 -11.38
CA SER A 527 12.50 -20.62 -12.12
C SER A 527 13.78 -20.28 -11.34
N ARG A 528 13.96 -20.70 -10.09
CA ARG A 528 15.24 -20.41 -9.35
C ARG A 528 16.40 -21.08 -10.09
N THR A 529 17.57 -20.47 -10.11
CA THR A 529 18.77 -21.02 -10.77
C THR A 529 19.37 -22.08 -9.82
N THR A 530 19.90 -23.18 -10.37
CA THR A 530 20.70 -24.19 -9.64
C THR A 530 22.17 -23.83 -9.78
N ILE A 531 22.87 -23.54 -8.69
CA ILE A 531 24.35 -23.40 -8.70
C ILE A 531 24.94 -24.79 -9.00
N ILE A 532 25.55 -24.96 -10.17
CA ILE A 532 26.08 -26.28 -10.61
C ILE A 532 27.56 -26.34 -10.22
N LEU A 533 27.89 -27.15 -9.22
CA LEU A 533 29.27 -27.36 -8.73
C LEU A 533 29.75 -28.74 -9.16
N GLY A 534 31.05 -28.86 -9.40
CA GLY A 534 31.74 -30.14 -9.69
C GLY A 534 33.20 -30.02 -9.35
N GLU A 535 33.83 -31.13 -8.92
CA GLU A 535 35.28 -31.18 -8.56
C GLU A 535 36.09 -30.68 -9.77
N ASP A 536 35.62 -30.90 -11.00
CA ASP A 536 36.28 -30.43 -12.24
C ASP A 536 35.50 -29.27 -12.90
N ILE A 537 34.21 -29.47 -13.21
CA ILE A 537 33.35 -28.43 -13.87
C ILE A 537 33.67 -27.09 -13.20
N LEU A 538 33.25 -26.93 -11.93
CA LEU A 538 33.35 -25.68 -11.11
C LEU A 538 33.25 -26.03 -9.62
N PRO A 539 34.34 -25.92 -8.84
CA PRO A 539 34.32 -26.39 -7.44
C PRO A 539 33.66 -25.47 -6.41
N SER A 540 33.79 -24.14 -6.55
CA SER A 540 33.23 -23.14 -5.61
C SER A 540 32.37 -22.07 -6.31
N LYS A 541 31.55 -21.35 -5.53
CA LYS A 541 30.63 -20.28 -6.01
C LYS A 541 30.52 -19.21 -4.93
N HIS A 542 30.88 -17.98 -5.27
CA HIS A 542 30.60 -16.76 -4.44
C HIS A 542 29.09 -16.45 -4.44
N VAL A 543 28.51 -16.25 -3.26
CA VAL A 543 27.16 -15.64 -3.05
C VAL A 543 27.34 -14.40 -2.17
N VAL A 544 26.47 -13.40 -2.35
CA VAL A 544 26.44 -12.14 -1.56
C VAL A 544 25.01 -11.90 -1.07
N MET A 545 24.88 -11.46 0.17
CA MET A 545 23.60 -11.05 0.81
C MET A 545 23.68 -9.55 1.05
N HIS A 546 22.59 -8.84 0.75
CA HIS A 546 22.36 -7.41 1.07
C HIS A 546 21.34 -7.28 2.18
N ASN A 547 21.51 -6.27 3.04
CA ASN A 547 20.64 -5.98 4.19
C ASN A 547 20.23 -4.52 4.10
N THR A 548 19.04 -4.23 3.56
CA THR A 548 18.60 -2.82 3.37
C THR A 548 18.36 -2.18 4.74
N LEU A 549 18.10 -2.96 5.77
CA LEU A 549 17.78 -2.42 7.10
C LEU A 549 19.05 -1.89 7.78
N PRO A 550 18.94 -0.82 8.58
CA PRO A 550 20.09 -0.19 9.23
C PRO A 550 20.46 -0.76 10.60
N HIS A 551 20.55 -2.08 10.70
CA HIS A 551 21.12 -2.79 11.88
C HIS A 551 21.68 -4.13 11.41
N TRP A 552 22.63 -4.70 12.18
CA TRP A 552 23.15 -6.08 11.96
C TRP A 552 21.95 -7.00 11.89
N ARG A 553 21.93 -7.87 10.89
CA ARG A 553 20.87 -8.90 10.76
C ARG A 553 21.54 -10.25 10.45
N GLU A 554 21.03 -11.30 11.08
CA GLU A 554 21.44 -12.71 10.90
C GLU A 554 20.17 -13.45 10.51
N GLN A 555 20.15 -14.02 9.32
CA GLN A 555 18.92 -14.60 8.73
C GLN A 555 19.33 -15.87 7.98
N LEU A 556 18.55 -16.95 8.08
CA LEU A 556 18.79 -18.14 7.24
C LEU A 556 18.58 -17.70 5.79
N VAL A 557 19.51 -18.06 4.91
CA VAL A 557 19.37 -17.94 3.42
C VAL A 557 19.50 -19.33 2.84
N ASP A 558 18.99 -19.52 1.63
CA ASP A 558 19.02 -20.82 0.93
C ASP A 558 19.40 -20.59 -0.54
N PHE A 559 20.01 -21.59 -1.14
CA PHE A 559 20.25 -21.66 -2.62
C PHE A 559 19.99 -23.06 -3.15
N TYR A 560 19.64 -23.18 -4.43
CA TYR A 560 19.63 -24.48 -5.14
C TYR A 560 21.09 -24.78 -5.51
N VAL A 561 21.56 -25.99 -5.13
CA VAL A 561 22.88 -26.58 -5.49
C VAL A 561 22.67 -27.97 -6.12
N SER A 562 23.56 -28.35 -7.03
CA SER A 562 23.52 -29.56 -7.91
C SER A 562 24.00 -30.81 -7.14
N SER A 563 24.72 -30.62 -6.02
CA SER A 563 25.18 -31.71 -5.11
C SER A 563 24.77 -31.41 -3.67
N PRO A 564 24.41 -32.43 -2.84
CA PRO A 564 24.16 -32.20 -1.42
C PRO A 564 25.46 -32.12 -0.60
N PHE A 565 26.62 -32.39 -1.19
CA PHE A 565 27.93 -32.35 -0.50
C PHE A 565 28.55 -30.97 -0.70
N VAL A 566 28.00 -29.98 -0.01
CA VAL A 566 28.44 -28.55 -0.09
C VAL A 566 28.71 -28.03 1.33
N SER A 567 29.77 -27.24 1.47
CA SER A 567 30.20 -26.59 2.74
C SER A 567 30.25 -25.08 2.51
N VAL A 568 29.94 -24.32 3.55
CA VAL A 568 29.85 -22.85 3.45
C VAL A 568 31.02 -22.25 4.24
N THR A 569 31.70 -21.29 3.64
CA THR A 569 32.68 -20.46 4.37
C THR A 569 32.37 -18.99 4.11
N ASP A 570 32.84 -18.09 4.97
CA ASP A 570 33.06 -16.69 4.57
C ASP A 570 34.29 -16.68 3.64
N LEU A 571 34.68 -15.51 3.13
CA LEU A 571 35.84 -15.36 2.21
C LEU A 571 37.14 -15.69 2.99
N ALA A 572 37.21 -15.33 4.28
CA ALA A 572 38.34 -15.62 5.20
C ALA A 572 38.42 -17.13 5.54
N ASN A 573 37.55 -17.95 4.91
CA ASN A 573 37.57 -19.43 4.92
C ASN A 573 37.18 -19.99 6.30
N ASN A 574 36.55 -19.19 7.17
CA ASN A 574 35.94 -19.67 8.44
C ASN A 574 34.74 -20.54 8.08
N PRO A 575 34.66 -21.80 8.55
CA PRO A 575 33.49 -22.64 8.31
C PRO A 575 32.21 -21.95 8.81
N VAL A 576 31.10 -22.20 8.13
CA VAL A 576 29.74 -21.74 8.55
C VAL A 576 28.86 -22.97 8.58
N GLU A 577 28.16 -23.17 9.69
CA GLU A 577 27.24 -24.31 9.84
C GLU A 577 26.12 -24.11 8.83
N ALA A 578 25.77 -25.19 8.16
CA ALA A 578 24.78 -25.22 7.07
C ALA A 578 23.96 -26.49 7.24
N GLN A 579 22.83 -26.51 6.56
CA GLN A 579 21.92 -27.68 6.48
C GLN A 579 21.55 -27.82 5.01
N VAL A 580 21.45 -29.07 4.55
CA VAL A 580 20.95 -29.40 3.18
C VAL A 580 19.63 -30.12 3.32
N SER A 581 18.62 -29.65 2.59
CA SER A 581 17.29 -30.28 2.51
C SER A 581 17.07 -30.63 1.06
N PRO A 582 16.13 -31.54 0.75
CA PRO A 582 15.75 -31.78 -0.63
C PRO A 582 14.92 -30.61 -1.18
N VAL A 583 14.89 -30.50 -2.50
CA VAL A 583 13.93 -29.63 -3.22
C VAL A 583 12.64 -30.42 -3.41
N TRP A 584 11.54 -29.96 -2.82
CA TRP A 584 10.22 -30.62 -2.94
C TRP A 584 9.29 -29.84 -3.89
N SER A 585 8.48 -30.53 -4.70
CA SER A 585 7.38 -29.94 -5.52
CA SER A 585 7.38 -29.94 -5.52
C SER A 585 6.07 -30.65 -5.17
N TRP A 586 4.94 -30.11 -5.61
CA TRP A 586 3.58 -30.68 -5.39
C TRP A 586 2.85 -30.83 -6.73
N HIS A 587 2.08 -31.91 -6.90
CA HIS A 587 1.48 -32.36 -8.20
C HIS A 587 0.11 -33.01 -7.97
N HIS A 588 -0.67 -33.19 -9.05
CA HIS A 588 -2.03 -33.80 -9.06
C HIS A 588 -1.99 -35.20 -9.71
N THR A 594 -6.16 -35.89 -5.98
CA THR A 594 -5.09 -36.32 -5.04
C THR A 594 -3.79 -35.53 -5.34
N ILE A 595 -3.19 -34.93 -4.30
CA ILE A 595 -2.10 -33.90 -4.35
C ILE A 595 -0.93 -34.39 -3.49
N HIS A 596 0.20 -34.73 -4.10
CA HIS A 596 1.33 -35.41 -3.43
C HIS A 596 2.65 -34.73 -3.79
N PRO A 597 3.66 -34.78 -2.90
CA PRO A 597 4.98 -34.26 -3.21
C PRO A 597 5.85 -35.21 -4.04
N GLN A 598 6.80 -34.64 -4.79
CA GLN A 598 7.90 -35.32 -5.50
C GLN A 598 9.18 -34.56 -5.18
N GLY A 599 10.31 -35.27 -4.99
CA GLY A 599 11.61 -34.66 -4.69
C GLY A 599 12.52 -34.68 -5.91
N SER A 600 13.41 -33.70 -6.03
CA SER A 600 14.47 -33.65 -7.07
C SER A 600 15.51 -34.72 -6.75
N THR A 601 16.12 -35.27 -7.81
CA THR A 601 17.26 -36.21 -7.71
C THR A 601 18.51 -35.48 -8.20
N THR A 602 18.39 -34.21 -8.58
CA THR A 602 19.47 -33.42 -9.23
C THR A 602 19.68 -32.04 -8.60
N LYS A 603 18.87 -31.62 -7.61
CA LYS A 603 19.13 -30.35 -6.89
C LYS A 603 18.62 -30.41 -5.44
N TYR A 604 19.25 -29.59 -4.62
CA TYR A 604 19.22 -29.63 -3.14
C TYR A 604 19.22 -28.17 -2.66
N ARG A 605 18.75 -27.93 -1.43
CA ARG A 605 18.79 -26.58 -0.80
C ARG A 605 19.94 -26.61 0.21
N ILE A 606 20.88 -25.71 0.07
CA ILE A 606 21.90 -25.43 1.12
C ILE A 606 21.31 -24.24 1.89
N ILE A 607 21.25 -24.37 3.21
CA ILE A 607 20.66 -23.38 4.15
C ILE A 607 21.72 -23.02 5.17
N PHE A 608 21.96 -21.73 5.38
CA PHE A 608 22.94 -21.24 6.37
C PHE A 608 22.57 -19.82 6.79
N LYS A 609 23.20 -19.35 7.85
CA LYS A 609 22.87 -18.07 8.51
C LYS A 609 23.84 -17.04 7.94
N ALA A 610 23.34 -16.12 7.09
CA ALA A 610 24.10 -14.94 6.65
C ALA A 610 24.04 -13.91 7.78
N ARG A 611 25.20 -13.42 8.21
CA ARG A 611 25.34 -12.22 9.07
C ARG A 611 25.69 -11.04 8.16
N VAL A 612 24.84 -10.02 8.10
CA VAL A 612 25.01 -8.90 7.13
C VAL A 612 25.02 -7.59 7.90
N PRO A 613 25.97 -6.66 7.61
CA PRO A 613 26.04 -5.39 8.33
C PRO A 613 24.83 -4.49 8.03
N PRO A 614 24.63 -3.41 8.80
CA PRO A 614 23.58 -2.44 8.53
C PRO A 614 23.75 -1.91 7.11
N MET A 615 22.68 -1.91 6.30
CA MET A 615 22.73 -1.29 4.96
C MET A 615 23.98 -1.84 4.25
N GLY A 616 24.23 -3.13 4.44
CA GLY A 616 25.53 -3.75 4.13
C GLY A 616 25.43 -5.00 3.27
N LEU A 617 26.62 -5.53 2.94
CA LEU A 617 26.79 -6.74 2.10
C LEU A 617 27.73 -7.69 2.86
N ALA A 618 27.49 -8.98 2.73
CA ALA A 618 28.36 -10.07 3.22
C ALA A 618 28.51 -11.11 2.10
N THR A 619 29.75 -11.51 1.80
CA THR A 619 30.09 -12.57 0.83
C THR A 619 30.29 -13.92 1.56
N TYR A 620 29.82 -14.99 0.95
CA TYR A 620 30.08 -16.39 1.36
C TYR A 620 30.41 -17.24 0.12
N VAL A 621 31.01 -18.42 0.37
CA VAL A 621 31.49 -19.35 -0.68
C VAL A 621 30.81 -20.70 -0.46
N LEU A 622 30.19 -21.24 -1.51
CA LEU A 622 29.69 -22.62 -1.51
C LEU A 622 30.73 -23.50 -2.23
N THR A 623 31.33 -24.46 -1.52
CA THR A 623 32.37 -25.39 -2.07
C THR A 623 31.85 -26.83 -2.00
N ILE A 624 31.93 -27.59 -3.10
CA ILE A 624 31.61 -29.05 -3.17
C ILE A 624 32.74 -29.86 -2.49
N SER A 625 32.43 -31.11 -2.11
CA SER A 625 33.41 -32.12 -1.62
C SER A 625 33.03 -33.53 -2.10
N ASP A 626 33.86 -34.53 -1.79
CA ASP A 626 33.62 -35.98 -2.00
C ASP A 626 32.27 -36.37 -1.44
N SER A 627 32.05 -36.03 -0.16
CA SER A 627 31.03 -36.63 0.75
C SER A 627 30.67 -35.64 1.86
N LYS A 628 29.78 -36.07 2.77
CA LYS A 628 29.26 -35.25 3.91
C LYS A 628 30.41 -34.44 4.50
N PRO A 629 30.39 -33.10 4.35
CA PRO A 629 31.45 -32.24 4.89
C PRO A 629 31.27 -32.06 6.40
N GLU A 630 32.28 -31.54 7.08
CA GLU A 630 32.32 -31.43 8.56
C GLU A 630 31.13 -30.59 9.09
N HIS A 631 30.79 -29.49 8.44
CA HIS A 631 29.92 -28.44 9.03
C HIS A 631 28.56 -28.37 8.35
N THR A 632 28.16 -29.38 7.56
CA THR A 632 26.83 -29.42 6.89
C THR A 632 26.01 -30.61 7.40
N SER A 633 24.86 -30.35 8.05
CA SER A 633 23.89 -31.39 8.49
C SER A 633 22.91 -31.70 7.35
N TYR A 634 22.14 -32.79 7.49
CA TYR A 634 21.17 -33.32 6.48
C TYR A 634 19.84 -33.50 7.20
N ALA A 635 18.80 -32.90 6.65
CA ALA A 635 17.42 -33.00 7.19
C ALA A 635 16.94 -34.43 6.94
N SER A 636 16.13 -34.96 7.86
CA SER A 636 15.29 -36.18 7.66
C SER A 636 14.04 -35.77 6.92
N ASN A 637 13.37 -36.72 6.29
CA ASN A 637 12.11 -36.47 5.56
C ASN A 637 11.16 -37.62 5.94
N LEU A 638 9.93 -37.24 6.27
CA LEU A 638 8.86 -38.14 6.74
C LEU A 638 7.59 -37.78 5.97
N LEU A 639 7.08 -38.73 5.19
CA LEU A 639 5.95 -38.55 4.25
C LEU A 639 4.71 -39.24 4.82
N LEU A 640 3.91 -38.54 5.62
CA LEU A 640 2.75 -39.11 6.36
C LEU A 640 1.59 -39.30 5.38
N ARG A 641 1.38 -40.52 4.92
CA ARG A 641 0.26 -40.95 4.05
C ARG A 641 0.06 -42.46 4.20
N LYS A 642 -0.94 -43.01 3.52
CA LYS A 642 -1.26 -44.47 3.52
C LYS A 642 -1.06 -45.00 2.10
N ASN A 643 -0.53 -46.21 1.94
CA ASN A 643 -0.17 -46.85 0.64
C ASN A 643 1.13 -46.25 0.08
N PRO A 644 2.18 -46.01 0.89
CA PRO A 644 3.42 -45.42 0.37
C PRO A 644 4.06 -46.26 -0.74
N SER A 646 7.22 -45.31 -3.24
CA SER A 646 8.20 -44.50 -2.48
C SER A 646 9.03 -43.62 -3.44
N LEU A 647 9.87 -42.73 -2.87
CA LEU A 647 10.46 -41.54 -3.53
C LEU A 647 11.98 -41.53 -3.36
N PRO A 648 12.76 -41.61 -4.47
CA PRO A 648 14.21 -41.43 -4.38
C PRO A 648 14.55 -39.96 -4.09
N LEU A 649 15.82 -39.66 -3.79
CA LEU A 649 16.36 -38.27 -3.74
C LEU A 649 17.79 -38.20 -4.29
N GLY A 650 18.12 -39.00 -5.32
CA GLY A 650 19.47 -39.09 -5.91
C GLY A 650 20.53 -39.23 -4.82
N GLN A 651 21.50 -38.32 -4.78
CA GLN A 651 22.68 -38.35 -3.87
C GLN A 651 22.33 -37.90 -2.45
N TYR A 652 21.09 -37.49 -2.17
CA TYR A 652 20.65 -37.04 -0.82
C TYR A 652 20.93 -38.19 0.15
N PRO A 653 21.85 -38.01 1.13
CA PRO A 653 22.32 -39.13 1.95
C PRO A 653 21.37 -39.71 3.01
N GLU A 654 20.20 -39.12 3.28
CA GLU A 654 19.25 -39.61 4.32
C GLU A 654 17.94 -40.04 3.66
N ASP A 655 17.60 -41.33 3.72
CA ASP A 655 16.45 -41.91 2.97
C ASP A 655 15.15 -41.31 3.49
N VAL A 656 14.20 -41.09 2.59
CA VAL A 656 12.81 -40.65 2.91
C VAL A 656 12.15 -41.78 3.69
N LYS A 657 11.72 -41.50 4.91
CA LYS A 657 10.90 -42.40 5.78
C LYS A 657 9.40 -42.15 5.50
N PHE A 658 8.57 -43.17 5.76
CA PHE A 658 7.10 -43.18 5.52
C PHE A 658 6.38 -43.56 6.80
N GLY A 659 5.08 -43.34 6.85
CA GLY A 659 4.25 -43.52 8.05
C GLY A 659 2.82 -43.11 7.81
N ASP A 660 1.89 -43.55 8.64
CA ASP A 660 0.45 -43.22 8.49
C ASP A 660 0.21 -41.83 9.09
N PRO A 661 -0.77 -41.07 8.56
CA PRO A 661 -1.13 -39.79 9.14
C PRO A 661 -1.16 -39.91 10.67
N ARG A 662 -0.56 -38.96 11.38
CA ARG A 662 -0.50 -38.91 12.87
C ARG A 662 -0.11 -37.51 13.32
N GLU A 663 -0.37 -37.17 14.59
CA GLU A 663 0.08 -35.89 15.20
C GLU A 663 1.62 -35.90 15.26
N ILE A 664 2.21 -34.71 15.30
CA ILE A 664 3.68 -34.47 15.22
C ILE A 664 3.98 -33.19 15.97
N SER A 665 5.00 -33.22 16.81
CA SER A 665 5.62 -32.03 17.47
CA SER A 665 5.61 -32.02 17.44
C SER A 665 6.95 -31.75 16.75
N LEU A 666 7.40 -30.51 16.80
CA LEU A 666 8.69 -30.07 16.21
C LEU A 666 9.18 -28.86 16.96
N ARG A 667 10.48 -28.77 17.15
CA ARG A 667 11.14 -27.59 17.76
C ARG A 667 12.42 -27.32 16.97
N VAL A 668 12.72 -26.07 16.64
CA VAL A 668 14.04 -25.67 16.08
C VAL A 668 14.71 -24.73 17.09
N GLY A 669 15.96 -24.98 17.44
CA GLY A 669 16.73 -24.13 18.35
C GLY A 669 16.09 -24.07 19.72
N ASN A 670 16.34 -23.02 20.50
CA ASN A 670 15.63 -22.82 21.79
C ASN A 670 14.23 -22.24 21.52
N GLY A 671 13.87 -22.06 20.24
CA GLY A 671 12.64 -21.37 19.78
C GLY A 671 11.43 -22.25 20.07
N PRO A 672 10.21 -21.84 19.64
CA PRO A 672 8.98 -22.47 20.13
C PRO A 672 8.87 -23.93 19.68
N THR A 673 7.97 -24.68 20.31
CA THR A 673 7.62 -26.08 19.99
C THR A 673 6.20 -26.05 19.44
N LEU A 674 5.99 -26.58 18.25
CA LEU A 674 4.69 -26.49 17.56
C LEU A 674 4.14 -27.91 17.46
N ALA A 675 2.85 -28.06 17.80
CA ALA A 675 2.08 -29.30 17.61
C ALA A 675 1.17 -29.09 16.41
N PHE A 676 1.09 -30.10 15.55
CA PHE A 676 0.36 -30.13 14.27
C PHE A 676 -0.64 -31.29 14.30
N SER A 677 -1.84 -31.08 13.73
CA SER A 677 -2.86 -32.14 13.54
C SER A 677 -2.27 -33.21 12.63
N GLU A 678 -3.06 -34.23 12.29
CA GLU A 678 -2.65 -35.31 11.36
C GLU A 678 -2.98 -34.92 9.92
N GLN A 679 -3.55 -33.72 9.71
CA GLN A 679 -3.64 -33.07 8.36
C GLN A 679 -2.65 -31.92 8.27
N GLY A 680 -1.70 -31.85 9.21
CA GLY A 680 -0.51 -30.99 9.11
C GLY A 680 -0.84 -29.52 9.36
N LEU A 681 -1.92 -29.26 10.10
CA LEU A 681 -2.37 -27.89 10.48
C LEU A 681 -2.03 -27.66 11.95
N LEU A 682 -1.41 -26.52 12.25
CA LEU A 682 -1.00 -26.12 13.63
C LEU A 682 -2.17 -26.28 14.61
N LYS A 683 -1.95 -26.93 15.76
CA LYS A 683 -2.99 -26.99 16.81
C LYS A 683 -2.47 -26.34 18.09
N SER A 684 -1.15 -26.23 18.28
CA SER A 684 -0.57 -25.75 19.57
C SER A 684 0.85 -25.19 19.39
N ILE A 685 1.14 -24.16 20.18
CA ILE A 685 2.48 -23.54 20.36
C ILE A 685 2.80 -23.56 21.86
N GLN A 686 3.90 -24.24 22.21
CA GLN A 686 4.64 -24.01 23.48
C GLN A 686 5.75 -23.01 23.22
N LEU A 687 5.68 -21.85 23.86
CA LEU A 687 6.70 -20.78 23.77
C LEU A 687 8.04 -21.32 24.29
N THR A 688 8.11 -21.67 25.58
CA THR A 688 9.35 -22.06 26.32
C THR A 688 9.15 -23.46 26.92
N GLN A 689 10.19 -24.02 27.55
CA GLN A 689 10.27 -25.46 27.96
C GLN A 689 9.38 -25.71 29.19
N ASP A 690 9.27 -24.73 30.10
CA ASP A 690 8.30 -24.80 31.24
C ASP A 690 6.86 -24.53 30.74
N SER A 691 6.62 -23.38 30.09
CA SER A 691 5.28 -22.77 29.83
C SER A 691 4.35 -23.75 29.11
N PRO A 692 3.01 -23.48 29.10
CA PRO A 692 2.03 -24.43 28.57
C PRO A 692 1.92 -24.51 27.03
N HIS A 693 1.37 -25.62 26.56
CA HIS A 693 0.95 -25.84 25.15
C HIS A 693 -0.32 -25.01 24.89
N VAL A 694 -0.16 -23.79 24.37
CA VAL A 694 -1.29 -22.84 24.10
C VAL A 694 -1.99 -23.29 22.82
N PRO A 695 -3.32 -23.49 22.80
CA PRO A 695 -3.99 -23.97 21.61
C PRO A 695 -4.06 -22.84 20.56
N VAL A 696 -3.84 -23.20 19.30
CA VAL A 696 -3.76 -22.28 18.12
C VAL A 696 -4.05 -23.16 16.89
N HIS A 697 -5.32 -23.23 16.49
CA HIS A 697 -5.80 -24.12 15.38
C HIS A 697 -5.89 -23.29 14.10
N PHE A 698 -5.17 -23.71 13.06
CA PHE A 698 -5.32 -23.21 11.67
C PHE A 698 -6.42 -24.06 11.02
N LYS A 699 -7.28 -23.43 10.22
CA LYS A 699 -8.44 -24.04 9.56
C LYS A 699 -8.75 -23.24 8.30
N PHE A 700 -9.03 -23.92 7.20
CA PHE A 700 -9.45 -23.29 5.93
C PHE A 700 -10.96 -23.42 5.84
N LEU A 701 -11.63 -22.32 5.46
CA LEU A 701 -13.09 -22.25 5.20
C LEU A 701 -13.37 -21.54 3.87
N LYS A 702 -14.64 -21.56 3.47
CA LYS A 702 -15.15 -20.91 2.25
C LYS A 702 -16.25 -19.93 2.68
N TYR A 703 -16.35 -18.85 1.93
CA TYR A 703 -17.55 -17.99 1.83
C TYR A 703 -18.08 -18.19 0.41
N GLY A 704 -19.40 -18.14 0.25
CA GLY A 704 -20.05 -18.19 -1.07
C GLY A 704 -20.69 -16.87 -1.43
N VAL A 705 -21.41 -16.85 -2.53
CA VAL A 705 -22.09 -15.65 -3.10
C VAL A 705 -23.60 -15.81 -2.86
N ARG A 706 -24.33 -14.70 -2.80
CA ARG A 706 -25.79 -14.68 -2.58
C ARG A 706 -26.47 -15.07 -3.90
N SER A 707 -27.31 -16.10 -3.84
CA SER A 707 -28.19 -16.54 -4.95
C SER A 707 -29.20 -15.44 -5.26
N HIS A 708 -29.78 -14.81 -4.23
CA HIS A 708 -30.82 -13.75 -4.34
C HIS A 708 -30.30 -12.44 -3.77
N GLY A 709 -30.54 -11.33 -4.47
CA GLY A 709 -30.08 -10.00 -4.06
C GLY A 709 -28.67 -9.69 -4.56
N ASP A 710 -27.87 -9.00 -3.76
CA ASP A 710 -26.62 -8.34 -4.24
C ASP A 710 -25.50 -9.38 -4.28
N ARG A 711 -24.83 -9.45 -5.44
CA ARG A 711 -23.71 -10.36 -5.78
C ARG A 711 -22.36 -9.72 -5.39
N SER A 712 -21.51 -10.46 -4.68
CA SER A 712 -20.09 -10.10 -4.46
C SER A 712 -19.40 -9.87 -5.80
N GLY A 713 -18.46 -8.91 -5.88
CA GLY A 713 -17.68 -8.64 -7.11
C GLY A 713 -16.24 -8.30 -6.80
N ALA A 714 -15.53 -7.63 -7.72
CA ALA A 714 -14.14 -7.16 -7.49
C ALA A 714 -14.12 -6.20 -6.29
N TYR A 715 -15.19 -5.45 -6.05
CA TYR A 715 -15.29 -4.41 -4.99
C TYR A 715 -15.96 -4.97 -3.73
N LEU A 716 -17.17 -5.51 -3.88
CA LEU A 716 -18.12 -5.79 -2.75
C LEU A 716 -17.87 -7.19 -2.22
N PHE A 717 -17.87 -7.32 -0.88
CA PHE A 717 -17.88 -8.61 -0.15
C PHE A 717 -19.29 -8.79 0.44
N LEU A 718 -20.08 -9.67 -0.18
CA LEU A 718 -21.50 -9.96 0.19
C LEU A 718 -21.67 -11.47 0.37
N PRO A 719 -21.17 -12.03 1.50
CA PRO A 719 -21.25 -13.48 1.74
C PRO A 719 -22.69 -13.93 2.01
N ASN A 720 -23.05 -15.13 1.56
CA ASN A 720 -24.27 -15.87 2.01
C ASN A 720 -23.96 -16.51 3.37
N GLY A 721 -23.89 -15.73 4.45
CA GLY A 721 -23.75 -16.21 5.83
C GLY A 721 -22.30 -16.60 6.19
N PRO A 722 -22.05 -17.00 7.46
CA PRO A 722 -20.70 -17.32 7.96
C PRO A 722 -19.98 -18.35 7.08
N ALA A 723 -18.65 -18.40 7.16
CA ALA A 723 -17.83 -19.33 6.37
C ALA A 723 -18.07 -20.76 6.87
N SER A 724 -18.05 -21.72 5.96
CA SER A 724 -18.30 -23.17 6.22
C SER A 724 -17.03 -23.97 5.89
N PRO A 725 -16.57 -24.87 6.80
CA PRO A 725 -15.30 -25.58 6.62
C PRO A 725 -15.08 -26.29 5.27
N VAL A 726 -13.82 -26.38 4.88
CA VAL A 726 -13.33 -27.02 3.61
C VAL A 726 -13.10 -28.51 3.91
N GLU A 727 -13.67 -29.41 3.10
CA GLU A 727 -13.38 -30.86 3.19
C GLU A 727 -11.91 -31.07 2.81
N LEU A 728 -11.09 -31.48 3.79
CA LEU A 728 -9.64 -31.71 3.62
C LEU A 728 -9.36 -33.13 3.11
N GLY A 729 -10.32 -34.07 3.25
CA GLY A 729 -10.11 -35.52 3.08
C GLY A 729 -9.02 -36.03 4.02
N GLN A 730 -8.17 -36.95 3.52
CA GLN A 730 -6.84 -37.29 4.10
C GLN A 730 -5.80 -36.76 3.11
N PRO A 731 -5.13 -35.63 3.43
CA PRO A 731 -4.12 -35.07 2.55
C PRO A 731 -2.74 -35.67 2.87
N VAL A 732 -1.84 -35.69 1.90
CA VAL A 732 -0.42 -36.09 2.14
C VAL A 732 0.26 -34.97 2.93
N VAL A 733 0.84 -35.29 4.08
CA VAL A 733 1.60 -34.36 4.96
C VAL A 733 3.09 -34.70 4.80
N LEU A 734 3.91 -33.72 4.36
CA LEU A 734 5.38 -33.84 4.26
C LEU A 734 6.02 -33.12 5.47
N VAL A 735 6.82 -33.84 6.24
CA VAL A 735 7.56 -33.29 7.39
C VAL A 735 9.05 -33.37 7.07
N THR A 736 9.74 -32.23 7.16
CA THR A 736 11.20 -32.13 6.95
C THR A 736 11.76 -31.58 8.26
N LYS A 737 12.72 -32.30 8.85
CA LYS A 737 13.23 -32.01 10.21
C LYS A 737 14.73 -31.76 10.07
N GLY A 738 15.19 -30.58 10.47
CA GLY A 738 16.61 -30.19 10.36
C GLY A 738 17.05 -29.32 11.51
N LYS A 739 18.36 -29.27 11.70
CA LYS A 739 19.01 -28.55 12.81
C LYS A 739 18.73 -27.04 12.70
N LEU A 740 18.72 -26.46 11.48
CA LEU A 740 18.57 -25.00 11.25
C LEU A 740 17.14 -24.66 10.84
N GLU A 741 16.45 -25.56 10.17
CA GLU A 741 15.12 -25.30 9.58
C GLU A 741 14.35 -26.62 9.44
N SER A 742 13.13 -26.67 9.96
CA SER A 742 12.18 -27.79 9.72
C SER A 742 10.87 -27.19 9.22
N SER A 743 10.08 -27.96 8.51
CA SER A 743 8.78 -27.53 7.96
CA SER A 743 8.80 -27.54 7.90
C SER A 743 7.79 -28.69 7.96
N VAL A 744 6.50 -28.37 7.99
CA VAL A 744 5.35 -29.27 7.80
C VAL A 744 4.59 -28.67 6.62
N SER A 745 4.43 -29.44 5.55
CA SER A 745 3.74 -29.04 4.31
C SER A 745 2.59 -30.01 4.09
N VAL A 746 1.48 -29.57 3.52
CA VAL A 746 0.31 -30.43 3.21
C VAL A 746 -0.38 -29.94 1.94
N GLY A 747 -0.82 -30.87 1.09
CA GLY A 747 -1.57 -30.58 -0.14
C GLY A 747 -3.05 -30.63 0.13
N LEU A 748 -3.63 -29.50 0.53
CA LEU A 748 -5.10 -29.35 0.68
C LEU A 748 -5.67 -29.00 -0.69
N PRO A 749 -6.99 -29.18 -0.95
CA PRO A 749 -7.57 -28.77 -2.22
C PRO A 749 -7.55 -27.23 -2.21
N SER A 750 -6.90 -26.62 -3.21
CA SER A 750 -6.77 -25.14 -3.44
C SER A 750 -5.47 -24.60 -2.81
N VAL A 751 -4.88 -25.28 -1.84
CA VAL A 751 -3.83 -24.66 -0.97
C VAL A 751 -2.79 -25.69 -0.59
N VAL A 752 -1.54 -25.48 -1.01
CA VAL A 752 -0.39 -26.16 -0.37
C VAL A 752 0.04 -25.29 0.82
N HIS A 753 -0.34 -25.75 2.01
CA HIS A 753 -0.13 -25.09 3.31
C HIS A 753 1.21 -25.55 3.86
N GLN A 754 1.98 -24.63 4.47
CA GLN A 754 3.35 -24.91 4.93
C GLN A 754 3.67 -24.07 6.16
N THR A 755 4.16 -24.72 7.21
CA THR A 755 4.67 -24.09 8.45
C THR A 755 6.16 -24.33 8.49
N ILE A 756 6.96 -23.27 8.48
CA ILE A 756 8.42 -23.34 8.42
C ILE A 756 8.90 -22.82 9.77
N MET A 757 9.85 -23.53 10.38
CA MET A 757 10.43 -23.22 11.71
CA MET A 757 10.42 -23.22 11.71
C MET A 757 11.93 -23.00 11.56
N ARG A 758 12.42 -21.88 12.09
CA ARG A 758 13.84 -21.50 12.07
C ARG A 758 14.29 -21.02 13.44
N GLY A 759 13.48 -21.18 14.48
CA GLY A 759 13.91 -20.93 15.87
C GLY A 759 13.41 -19.61 16.44
N GLY A 760 12.31 -19.11 15.90
CA GLY A 760 11.56 -17.99 16.50
C GLY A 760 10.11 -18.13 16.07
N ALA A 761 9.43 -17.03 15.77
CA ALA A 761 8.06 -17.07 15.21
C ALA A 761 8.10 -17.83 13.89
N PRO A 762 7.24 -18.86 13.69
CA PRO A 762 7.23 -19.59 12.43
C PRO A 762 6.74 -18.71 11.28
N GLU A 763 7.01 -19.20 10.07
CA GLU A 763 6.60 -18.58 8.78
CA GLU A 763 6.59 -18.57 8.78
C GLU A 763 5.56 -19.50 8.15
N ILE A 764 4.42 -18.94 7.76
CA ILE A 764 3.32 -19.68 7.08
C ILE A 764 3.40 -19.33 5.60
N ARG A 765 3.35 -20.35 4.73
CA ARG A 765 3.31 -20.17 3.27
C ARG A 765 2.12 -20.94 2.70
N ASN A 766 1.26 -20.23 1.96
CA ASN A 766 0.12 -20.80 1.22
C ASN A 766 0.36 -20.57 -0.27
N LEU A 767 0.56 -21.64 -1.02
CA LEU A 767 0.40 -21.66 -2.49
C LEU A 767 -1.10 -21.79 -2.78
N VAL A 768 -1.78 -20.69 -3.07
CA VAL A 768 -3.26 -20.63 -3.24
C VAL A 768 -3.58 -20.75 -4.72
N ASP A 769 -4.29 -21.81 -5.09
CA ASP A 769 -4.76 -22.06 -6.49
C ASP A 769 -6.26 -22.32 -6.45
N ILE A 770 -7.06 -21.27 -6.49
CA ILE A 770 -8.55 -21.33 -6.34
C ILE A 770 -9.12 -22.00 -7.60
N GLY A 771 -8.35 -22.07 -8.68
CA GLY A 771 -8.61 -22.92 -9.86
C GLY A 771 -9.78 -22.45 -10.69
N SER A 772 -10.92 -23.12 -10.57
CA SER A 772 -12.20 -22.62 -11.15
C SER A 772 -13.36 -22.92 -10.19
N LEU A 773 -13.12 -22.82 -8.88
CA LEU A 773 -14.16 -22.87 -7.82
C LEU A 773 -14.99 -21.58 -7.85
N ASP A 774 -15.79 -21.39 -8.91
CA ASP A 774 -16.56 -20.14 -9.10
C ASP A 774 -17.32 -19.83 -7.79
N ASN A 775 -17.45 -18.54 -7.47
CA ASN A 775 -18.33 -18.00 -6.40
C ASN A 775 -17.90 -18.55 -5.04
N THR A 776 -16.58 -18.57 -4.84
CA THR A 776 -15.88 -19.08 -3.63
C THR A 776 -14.86 -18.04 -3.14
N GLU A 777 -14.79 -17.83 -1.84
CA GLU A 777 -13.70 -17.06 -1.19
C GLU A 777 -13.06 -17.97 -0.15
N ILE A 778 -11.76 -18.26 -0.32
CA ILE A 778 -10.95 -19.12 0.60
CA ILE A 778 -10.96 -19.12 0.60
C ILE A 778 -10.42 -18.22 1.72
N VAL A 779 -10.82 -18.50 2.96
CA VAL A 779 -10.29 -17.77 4.15
C VAL A 779 -9.41 -18.72 4.96
N MET A 780 -8.45 -18.16 5.70
CA MET A 780 -7.61 -18.90 6.65
C MET A 780 -7.89 -18.28 8.02
N ARG A 781 -8.34 -19.09 8.99
CA ARG A 781 -8.75 -18.64 10.34
C ARG A 781 -7.84 -19.30 11.37
N LEU A 782 -7.50 -18.54 12.40
CA LEU A 782 -6.77 -18.96 13.62
C LEU A 782 -7.79 -18.91 14.76
N GLU A 783 -7.92 -20.02 15.50
CA GLU A 783 -8.85 -20.18 16.66
C GLU A 783 -8.00 -20.38 17.90
N THR A 784 -8.10 -19.47 18.86
CA THR A 784 -7.37 -19.51 20.13
C THR A 784 -8.37 -19.41 21.28
N HIS A 785 -7.89 -19.52 22.52
CA HIS A 785 -8.68 -19.25 23.75
C HIS A 785 -8.33 -17.84 24.21
N ILE A 786 -7.62 -17.05 23.41
CA ILE A 786 -7.33 -15.63 23.78
C ILE A 786 -8.67 -14.93 24.00
N ASP A 787 -8.76 -14.13 25.07
CA ASP A 787 -10.02 -13.51 25.57
C ASP A 787 -10.13 -12.10 24.94
N SER A 788 -10.17 -12.04 23.61
CA SER A 788 -10.10 -10.77 22.82
C SER A 788 -11.43 -10.02 22.99
N GLY A 789 -12.53 -10.78 22.95
CA GLY A 789 -13.89 -10.26 23.05
C GLY A 789 -14.31 -9.77 21.69
N ASP A 790 -14.60 -8.47 21.59
CA ASP A 790 -15.05 -7.82 20.32
C ASP A 790 -13.89 -6.98 19.76
N ILE A 791 -12.71 -7.06 20.38
CA ILE A 791 -11.53 -6.20 20.05
C ILE A 791 -10.55 -6.99 19.19
N PHE A 792 -10.13 -6.37 18.09
CA PHE A 792 -8.93 -6.79 17.29
C PHE A 792 -8.23 -5.54 16.79
N TYR A 793 -7.04 -5.72 16.25
CA TYR A 793 -6.17 -4.66 15.72
C TYR A 793 -5.73 -5.05 14.30
N THR A 794 -5.76 -4.08 13.40
CA THR A 794 -5.31 -4.18 11.99
C THR A 794 -4.49 -2.93 11.73
N ASP A 795 -3.57 -3.02 10.78
CA ASP A 795 -2.67 -1.89 10.47
C ASP A 795 -3.27 -1.10 9.30
N LEU A 796 -2.82 0.13 9.18
CA LEU A 796 -3.10 1.00 8.01
C LEU A 796 -1.78 1.27 7.30
N ASN A 797 -1.69 0.77 6.08
CA ASN A 797 -0.61 1.07 5.11
C ASN A 797 0.73 0.66 5.71
N GLY A 798 0.74 -0.24 6.69
CA GLY A 798 1.97 -0.75 7.28
C GLY A 798 2.69 0.29 8.12
N LEU A 799 1.95 1.29 8.63
CA LEU A 799 2.51 2.47 9.37
C LEU A 799 2.06 2.44 10.85
N GLN A 800 0.84 2.01 11.12
CA GLN A 800 0.19 2.12 12.46
C GLN A 800 -0.81 1.00 12.59
N PHE A 801 -1.09 0.57 13.82
CA PHE A 801 -2.15 -0.41 14.14
C PHE A 801 -3.27 0.34 14.83
N ILE A 802 -4.49 0.06 14.40
CA ILE A 802 -5.72 0.77 14.83
C ILE A 802 -6.66 -0.26 15.48
N LYS A 803 -7.28 0.13 16.59
CA LYS A 803 -8.24 -0.73 17.33
CA LYS A 803 -8.23 -0.74 17.33
C LYS A 803 -9.51 -0.85 16.49
N ARG A 804 -9.93 -2.09 16.23
CA ARG A 804 -11.23 -2.43 15.63
C ARG A 804 -12.14 -2.98 16.75
N ARG A 805 -13.45 -2.85 16.57
CA ARG A 805 -14.47 -3.53 17.40
C ARG A 805 -15.40 -4.26 16.43
N ARG A 806 -15.49 -5.58 16.54
CA ARG A 806 -16.57 -6.36 15.88
C ARG A 806 -17.89 -5.73 16.34
N LEU A 807 -18.77 -5.37 15.41
CA LEU A 807 -20.12 -4.75 15.66
C LEU A 807 -21.17 -5.68 15.07
N ASP A 808 -21.91 -6.37 15.95
CA ASP A 808 -22.88 -7.43 15.56
C ASP A 808 -24.05 -6.75 14.86
N LYS A 809 -24.27 -5.46 15.15
CA LYS A 809 -25.30 -4.60 14.48
C LYS A 809 -24.97 -4.42 12.99
N LEU A 810 -23.72 -4.58 12.56
CA LEU A 810 -23.32 -4.49 11.12
C LEU A 810 -23.16 -5.90 10.57
N PRO A 811 -23.41 -6.12 9.27
CA PRO A 811 -23.24 -7.43 8.67
C PRO A 811 -21.74 -7.78 8.68
N LEU A 812 -21.45 -9.02 8.31
CA LEU A 812 -20.11 -9.63 8.42
C LEU A 812 -19.10 -8.79 7.62
N GLN A 813 -19.39 -8.55 6.34
CA GLN A 813 -18.49 -7.84 5.38
C GLN A 813 -18.06 -6.46 5.91
N ALA A 814 -18.77 -5.88 6.87
CA ALA A 814 -18.46 -4.57 7.48
C ALA A 814 -17.48 -4.72 8.66
N ASN A 815 -17.29 -5.95 9.15
CA ASN A 815 -16.30 -6.28 10.20
C ASN A 815 -14.99 -6.72 9.53
N TYR A 816 -14.99 -6.94 8.21
CA TYR A 816 -13.78 -7.11 7.38
C TYR A 816 -13.11 -5.75 7.20
N TYR A 817 -11.79 -5.73 7.39
CA TYR A 817 -10.92 -4.53 7.28
C TYR A 817 -9.70 -4.87 6.41
N PRO A 818 -9.02 -3.85 5.84
CA PRO A 818 -7.73 -4.08 5.21
C PRO A 818 -6.75 -4.75 6.19
N ILE A 819 -6.00 -5.74 5.71
CA ILE A 819 -4.81 -6.29 6.41
C ILE A 819 -3.57 -6.06 5.55
N PRO A 820 -3.11 -4.80 5.43
CA PRO A 820 -1.94 -4.50 4.61
C PRO A 820 -0.58 -5.05 5.09
N SER A 821 -0.37 -5.28 6.39
N SER A 821 -0.37 -5.18 6.40
CA SER A 821 0.90 -5.85 6.92
CA SER A 821 0.88 -5.71 7.02
C SER A 821 0.75 -6.60 8.25
C SER A 821 0.56 -6.78 8.05
N GLY A 822 -0.40 -6.52 8.93
CA GLY A 822 -0.58 -7.30 10.17
C GLY A 822 -1.91 -7.06 10.87
N MET A 823 -2.25 -8.04 11.70
CA MET A 823 -3.43 -8.01 12.57
C MET A 823 -3.08 -8.77 13.85
N PHE A 824 -3.76 -8.45 14.96
CA PHE A 824 -3.53 -9.10 16.25
C PHE A 824 -4.74 -8.97 17.17
N ILE A 825 -4.88 -9.99 18.01
CA ILE A 825 -5.87 -10.09 19.13
C ILE A 825 -5.08 -10.23 20.43
N GLU A 826 -5.68 -9.80 21.55
CA GLU A 826 -5.03 -9.96 22.87
C GLU A 826 -6.06 -9.87 24.01
N ASP A 827 -5.81 -10.65 25.08
CA ASP A 827 -6.35 -10.41 26.43
C ASP A 827 -5.21 -9.89 27.32
N ALA A 828 -5.38 -9.96 28.64
CA ALA A 828 -4.45 -9.35 29.63
C ALA A 828 -3.10 -10.06 29.59
N ASN A 829 -3.04 -11.30 29.10
CA ASN A 829 -1.84 -12.18 29.21
C ASN A 829 -1.23 -12.49 27.83
N THR A 830 -2.03 -13.05 26.93
CA THR A 830 -1.62 -13.53 25.59
C THR A 830 -1.92 -12.49 24.51
N ARG A 831 -1.03 -12.41 23.51
CA ARG A 831 -1.27 -11.78 22.19
C ARG A 831 -0.86 -12.77 21.09
N LEU A 832 -1.69 -12.87 20.06
CA LEU A 832 -1.35 -13.51 18.77
C LEU A 832 -1.32 -12.40 17.72
N THR A 833 -0.20 -12.29 17.00
CA THR A 833 -0.03 -11.36 15.86
C THR A 833 0.21 -12.18 14.58
N LEU A 834 -0.57 -11.93 13.52
CA LEU A 834 -0.30 -12.46 12.17
C LEU A 834 0.23 -11.31 11.27
N LEU A 835 1.49 -11.45 10.82
CA LEU A 835 2.15 -10.50 9.88
C LEU A 835 2.02 -11.08 8.47
N THR A 836 1.80 -10.23 7.48
CA THR A 836 1.52 -10.63 6.07
C THR A 836 2.61 -10.07 5.15
N GLY A 837 2.97 -10.80 4.10
CA GLY A 837 3.85 -10.34 3.01
C GLY A 837 3.07 -9.69 1.88
N GLN A 838 1.75 -9.56 2.07
CA GLN A 838 0.81 -9.10 1.02
C GLN A 838 -0.43 -8.54 1.68
N PRO A 839 -1.05 -7.48 1.12
CA PRO A 839 -2.30 -6.95 1.64
C PRO A 839 -3.44 -7.89 1.26
N LEU A 840 -4.23 -8.27 2.27
CA LEU A 840 -5.43 -9.12 2.11
C LEU A 840 -6.50 -8.61 3.08
N GLY A 841 -7.75 -8.99 2.88
CA GLY A 841 -8.85 -8.63 3.78
C GLY A 841 -8.92 -9.56 4.97
N GLY A 842 -9.36 -9.07 6.12
CA GLY A 842 -9.43 -9.94 7.31
C GLY A 842 -10.32 -9.39 8.41
N SER A 843 -10.55 -10.22 9.42
CA SER A 843 -11.42 -9.89 10.58
C SER A 843 -11.01 -10.71 11.80
N SER A 844 -11.65 -10.37 12.93
CA SER A 844 -11.81 -11.21 14.13
C SER A 844 -13.31 -11.34 14.37
N LEU A 845 -13.97 -12.32 13.76
CA LEU A 845 -15.45 -12.49 13.81
C LEU A 845 -15.92 -13.16 15.13
N ALA A 846 -15.03 -13.48 16.09
CA ALA A 846 -15.38 -14.09 17.40
C ALA A 846 -14.15 -14.08 18.30
N SER A 847 -14.35 -13.94 19.62
CA SER A 847 -13.27 -13.88 20.65
C SER A 847 -12.19 -14.94 20.32
N GLY A 848 -10.91 -14.57 20.43
CA GLY A 848 -9.74 -15.41 20.13
C GLY A 848 -9.63 -15.91 18.69
N GLU A 849 -10.30 -15.28 17.72
CA GLU A 849 -10.11 -15.65 16.29
C GLU A 849 -9.37 -14.53 15.55
N LEU A 850 -8.53 -14.90 14.57
CA LEU A 850 -8.10 -14.04 13.44
C LEU A 850 -8.50 -14.78 12.17
N GLU A 851 -8.86 -14.07 11.09
CA GLU A 851 -9.02 -14.71 9.76
C GLU A 851 -8.61 -13.71 8.67
N ILE A 852 -8.17 -14.22 7.53
CA ILE A 852 -7.57 -13.43 6.42
C ILE A 852 -7.82 -14.17 5.12
N MET A 853 -8.44 -13.49 4.15
CA MET A 853 -8.89 -14.09 2.87
C MET A 853 -7.66 -14.29 2.00
N GLN A 854 -7.61 -15.40 1.26
CA GLN A 854 -6.43 -15.82 0.47
C GLN A 854 -6.68 -15.53 -1.02
N ASP A 855 -7.91 -15.75 -1.48
CA ASP A 855 -8.31 -15.44 -2.88
C ASP A 855 -9.83 -15.50 -3.00
N ARG A 856 -10.34 -15.01 -4.13
CA ARG A 856 -11.81 -14.95 -4.39
C ARG A 856 -11.99 -15.06 -5.89
N ARG A 857 -12.94 -15.90 -6.29
CA ARG A 857 -13.34 -16.13 -7.70
C ARG A 857 -14.83 -15.85 -7.79
N LEU A 858 -15.22 -14.93 -8.68
CA LEU A 858 -16.59 -14.35 -8.67
C LEU A 858 -17.07 -14.24 -10.10
N ALA A 859 -18.12 -15.01 -10.41
CA ALA A 859 -18.74 -15.09 -11.76
C ALA A 859 -19.44 -13.76 -12.09
N SER A 860 -20.03 -13.08 -11.09
CA SER A 860 -20.86 -11.86 -11.28
C SER A 860 -20.06 -10.56 -11.10
N ASP A 861 -20.42 -9.55 -11.90
CA ASP A 861 -20.07 -8.12 -11.70
C ASP A 861 -20.86 -7.60 -10.50
N ASP A 862 -20.36 -6.57 -9.81
CA ASP A 862 -21.03 -5.99 -8.62
C ASP A 862 -21.54 -4.58 -8.93
N GLU A 863 -21.63 -4.23 -10.21
CA GLU A 863 -22.42 -3.06 -10.71
C GLU A 863 -21.81 -1.75 -10.20
N ARG A 864 -20.47 -1.66 -10.15
CA ARG A 864 -19.72 -0.40 -9.86
C ARG A 864 -18.91 0.04 -11.09
N GLY A 865 -19.16 -0.57 -12.25
CA GLY A 865 -18.67 -0.09 -13.57
C GLY A 865 -17.48 -0.88 -14.09
N LEU A 866 -16.97 -1.86 -13.34
CA LEU A 866 -15.89 -2.76 -13.82
C LEU A 866 -16.40 -3.58 -15.02
N GLY A 867 -17.66 -4.04 -14.95
CA GLY A 867 -18.37 -4.74 -16.06
C GLY A 867 -17.87 -6.16 -16.28
N GLN A 868 -17.20 -6.74 -15.27
CA GLN A 868 -16.84 -8.18 -15.22
C GLN A 868 -16.80 -8.61 -13.76
N GLY A 869 -16.77 -9.90 -13.51
CA GLY A 869 -16.39 -10.48 -12.21
C GLY A 869 -14.91 -10.71 -12.15
N VAL A 870 -14.49 -11.62 -11.30
CA VAL A 870 -13.05 -11.93 -11.06
C VAL A 870 -12.89 -13.42 -11.41
N LEU A 871 -12.38 -13.70 -12.61
CA LEU A 871 -12.23 -15.09 -13.15
C LEU A 871 -10.84 -15.27 -13.76
N ASP A 872 -9.87 -14.48 -13.31
CA ASP A 872 -8.47 -14.47 -13.84
C ASP A 872 -7.51 -14.87 -12.72
N ASN A 873 -8.02 -15.55 -11.70
CA ASN A 873 -7.20 -16.01 -10.56
C ASN A 873 -6.01 -16.81 -11.08
N LYS A 874 -4.90 -16.79 -10.37
CA LYS A 874 -3.70 -17.58 -10.71
C LYS A 874 -2.98 -17.98 -9.42
N PRO A 875 -2.13 -19.02 -9.45
CA PRO A 875 -1.38 -19.41 -8.27
C PRO A 875 -0.64 -18.19 -7.71
N VAL A 876 -0.77 -17.97 -6.40
CA VAL A 876 0.06 -16.99 -5.65
C VAL A 876 0.61 -17.69 -4.41
N LEU A 877 1.85 -17.36 -4.04
CA LEU A 877 2.48 -17.77 -2.78
C LEU A 877 2.34 -16.63 -1.78
N HIS A 878 1.38 -16.74 -0.86
CA HIS A 878 1.19 -15.87 0.32
C HIS A 878 2.17 -16.27 1.43
N ILE A 879 2.73 -15.28 2.14
CA ILE A 879 3.73 -15.50 3.20
C ILE A 879 3.29 -14.74 4.47
N TYR A 880 3.53 -15.35 5.64
CA TYR A 880 3.09 -14.82 6.95
C TYR A 880 4.15 -15.14 8.01
N ARG A 881 4.13 -14.38 9.10
CA ARG A 881 4.80 -14.78 10.37
C ARG A 881 3.73 -14.84 11.46
N LEU A 882 3.81 -15.84 12.35
CA LEU A 882 2.83 -16.09 13.44
C LEU A 882 3.52 -15.99 14.80
N VAL A 883 3.22 -14.92 15.53
CA VAL A 883 3.91 -14.51 16.79
C VAL A 883 2.93 -14.62 17.96
N LEU A 884 3.02 -15.73 18.71
CA LEU A 884 2.35 -15.92 20.02
C LEU A 884 3.28 -15.43 21.13
N GLU A 885 2.86 -14.45 21.91
CA GLU A 885 3.67 -13.85 23.01
C GLU A 885 2.78 -13.62 24.24
N LYS A 886 3.41 -13.50 25.42
CA LYS A 886 2.77 -13.07 26.68
C LYS A 886 3.02 -11.57 26.78
N VAL A 887 2.02 -10.81 27.21
CA VAL A 887 2.07 -9.32 27.25
C VAL A 887 1.75 -8.81 28.65
N ASN A 888 1.44 -9.71 29.60
CA ASN A 888 1.14 -9.38 31.02
C ASN A 888 2.24 -8.45 31.58
N ASN A 889 3.46 -8.51 31.03
CA ASN A 889 4.64 -7.70 31.46
C ASN A 889 4.92 -6.56 30.49
N CYS A 890 4.05 -6.33 29.51
CA CYS A 890 4.21 -5.25 28.50
C CYS A 890 3.36 -4.05 28.95
N VAL A 891 3.93 -2.84 28.83
CA VAL A 891 3.24 -1.54 29.06
C VAL A 891 2.30 -1.31 27.87
N ARG A 892 1.03 -1.70 28.04
CA ARG A 892 -0.03 -1.61 27.01
C ARG A 892 -0.65 -0.23 27.09
N PRO A 893 -1.10 0.40 25.98
CA PRO A 893 -1.69 1.73 26.06
C PRO A 893 -3.00 1.71 26.87
N SER A 894 -3.46 2.88 27.32
CA SER A 894 -4.77 3.08 28.01
C SER A 894 -5.84 2.22 27.34
N GLU A 895 -6.81 1.71 28.08
CA GLU A 895 -7.93 0.92 27.52
C GLU A 895 -8.81 1.79 26.61
N LEU A 896 -8.67 3.12 26.70
CA LEU A 896 -9.43 4.11 25.89
C LEU A 896 -8.65 4.48 24.62
N HIS A 897 -7.37 4.12 24.51
CA HIS A 897 -6.50 4.46 23.35
C HIS A 897 -7.04 3.74 22.10
N PRO A 898 -7.12 4.44 20.92
CA PRO A 898 -7.56 3.81 19.68
C PRO A 898 -6.45 3.10 18.87
N ALA A 899 -5.22 3.08 19.38
CA ALA A 899 -4.04 2.50 18.70
C ALA A 899 -3.57 1.25 19.45
N GLY A 900 -2.93 0.34 18.71
CA GLY A 900 -2.07 -0.74 19.22
C GLY A 900 -0.63 -0.53 18.75
N TYR A 901 0.32 -1.21 19.38
CA TYR A 901 1.75 -1.19 19.00
C TYR A 901 2.29 -2.62 19.00
N LEU A 902 3.08 -2.98 17.99
CA LEU A 902 3.73 -4.31 17.91
C LEU A 902 4.78 -4.41 19.02
N THR A 903 5.07 -5.64 19.41
CA THR A 903 6.31 -6.02 20.11
C THR A 903 7.48 -5.97 19.12
N SER A 904 8.69 -5.77 19.62
CA SER A 904 9.97 -5.98 18.92
C SER A 904 9.91 -7.26 18.06
N ALA A 905 9.49 -8.39 18.63
CA ALA A 905 9.46 -9.70 17.90
C ALA A 905 8.52 -9.64 16.69
N ALA A 906 7.32 -9.04 16.83
CA ALA A 906 6.33 -8.90 15.74
C ALA A 906 6.82 -7.90 14.70
N HIS A 907 7.41 -6.78 15.12
CA HIS A 907 7.95 -5.77 14.20
C HIS A 907 9.05 -6.43 13.35
N LYS A 908 10.02 -7.08 14.00
CA LYS A 908 11.16 -7.72 13.33
C LYS A 908 10.62 -8.79 12.37
N ALA A 909 9.57 -9.51 12.77
CA ALA A 909 8.89 -10.51 11.91
C ALA A 909 8.26 -9.86 10.64
N SER A 910 7.56 -8.72 10.78
CA SER A 910 7.09 -7.91 9.62
C SER A 910 8.30 -7.52 8.77
N GLN A 911 9.39 -7.08 9.40
CA GLN A 911 10.62 -6.64 8.68
C GLN A 911 11.14 -7.79 7.84
N SER A 912 11.16 -9.00 8.39
CA SER A 912 11.59 -10.22 7.66
C SER A 912 10.67 -10.52 6.48
N LEU A 913 9.38 -10.16 6.52
CA LEU A 913 8.49 -10.41 5.36
C LEU A 913 8.72 -9.36 4.26
N LEU A 914 8.85 -8.10 4.62
CA LEU A 914 8.76 -6.99 3.65
C LEU A 914 10.14 -6.65 3.10
N ASP A 915 11.17 -6.69 3.94
CA ASP A 915 12.56 -6.33 3.57
C ASP A 915 13.53 -7.41 4.04
N PRO A 916 13.45 -8.65 3.47
CA PRO A 916 14.41 -9.71 3.75
C PRO A 916 15.77 -9.37 3.13
N LEU A 917 16.78 -10.16 3.45
CA LEU A 917 18.11 -10.11 2.79
C LEU A 917 17.90 -10.43 1.31
N ASP A 918 18.63 -9.75 0.44
CA ASP A 918 18.68 -10.00 -1.02
C ASP A 918 19.79 -11.04 -1.25
N LYS A 919 19.63 -11.95 -2.20
CA LYS A 919 20.66 -12.97 -2.51
C LYS A 919 21.16 -12.75 -3.95
N PHE A 920 22.48 -12.78 -4.10
CA PHE A 920 23.20 -12.57 -5.38
C PHE A 920 24.14 -13.78 -5.57
N ILE A 921 23.96 -14.47 -6.68
CA ILE A 921 24.86 -15.57 -7.15
C ILE A 921 25.78 -14.94 -8.20
N PHE A 922 27.08 -15.01 -7.99
CA PHE A 922 28.07 -14.56 -9.01
C PHE A 922 27.88 -15.42 -10.28
N ALA A 923 27.76 -14.74 -11.43
CA ALA A 923 27.41 -15.35 -12.72
C ALA A 923 28.61 -16.13 -13.27
N GLU A 924 29.82 -15.57 -13.12
CA GLU A 924 31.04 -16.04 -13.82
C GLU A 924 31.81 -17.01 -12.92
N ASN A 925 32.69 -17.81 -13.53
CA ASN A 925 33.47 -18.90 -12.88
C ASN A 925 34.39 -18.29 -11.83
N GLU A 926 34.99 -17.13 -12.09
CA GLU A 926 35.96 -16.51 -11.15
C GLU A 926 35.63 -15.03 -10.96
N TRP A 927 35.90 -14.52 -9.76
CA TRP A 927 35.62 -13.13 -9.30
C TRP A 927 36.89 -12.54 -8.69
N ILE A 928 37.73 -11.92 -9.52
CA ILE A 928 38.98 -11.26 -9.06
C ILE A 928 38.60 -9.93 -8.40
N GLY A 929 39.17 -9.66 -7.22
CA GLY A 929 39.02 -8.40 -6.47
C GLY A 929 38.08 -8.54 -5.29
N ALA A 930 37.38 -9.68 -5.26
CA ALA A 930 36.26 -10.00 -4.33
C ALA A 930 36.65 -9.59 -2.92
N GLN A 931 35.84 -8.74 -2.29
CA GLN A 931 35.92 -8.47 -0.84
C GLN A 931 34.74 -9.20 -0.19
N GLY A 932 34.78 -9.41 1.13
CA GLY A 932 33.86 -10.31 1.84
C GLY A 932 32.80 -9.57 2.64
N GLN A 933 32.78 -8.24 2.54
CA GLN A 933 31.93 -7.36 3.38
C GLN A 933 31.93 -5.92 2.85
N PHE A 934 30.79 -5.25 3.01
CA PHE A 934 30.59 -3.79 2.88
C PHE A 934 29.66 -3.32 4.02
N GLY A 935 30.07 -2.27 4.72
CA GLY A 935 29.21 -1.53 5.66
C GLY A 935 29.45 -1.96 7.09
N GLY A 936 30.53 -2.70 7.36
CA GLY A 936 30.93 -3.08 8.72
C GLY A 936 31.11 -1.87 9.63
N ASP A 937 31.47 -0.73 9.05
CA ASP A 937 31.67 0.59 9.71
C ASP A 937 30.30 1.26 10.00
N HIS A 938 29.23 0.86 9.29
CA HIS A 938 27.89 1.51 9.32
C HIS A 938 27.26 1.34 10.68
N PRO A 939 26.66 2.40 11.25
CA PRO A 939 26.05 2.33 12.57
C PRO A 939 24.79 1.44 12.52
N SER A 940 24.61 0.66 13.59
CA SER A 940 23.51 -0.29 13.82
C SER A 940 22.46 0.38 14.71
N ALA A 941 21.44 1.00 14.09
CA ALA A 941 20.46 1.90 14.73
C ALA A 941 19.50 1.08 15.60
N ARG A 942 18.91 1.74 16.59
CA ARG A 942 17.90 1.13 17.50
C ARG A 942 16.88 0.35 16.64
N GLU A 943 16.26 -0.67 17.21
CA GLU A 943 15.45 -1.66 16.47
C GLU A 943 14.18 -1.01 15.90
N ASP A 944 13.73 0.10 16.49
CA ASP A 944 12.43 0.74 16.14
C ASP A 944 12.67 1.74 15.01
N LEU A 945 13.92 1.96 14.60
CA LEU A 945 14.30 2.93 13.55
C LEU A 945 14.60 2.20 12.23
N ASP A 946 14.20 2.84 11.12
CA ASP A 946 14.40 2.31 9.75
C ASP A 946 14.84 3.45 8.85
N VAL A 947 15.76 3.16 7.92
CA VAL A 947 16.02 4.05 6.77
C VAL A 947 15.12 3.57 5.64
N SER A 948 13.90 4.09 5.61
CA SER A 948 12.82 3.70 4.67
C SER A 948 13.29 3.93 3.24
N VAL A 949 13.94 5.08 3.01
CA VAL A 949 14.42 5.50 1.67
C VAL A 949 15.87 5.97 1.75
N MET A 950 16.75 5.40 0.92
CA MET A 950 18.01 6.07 0.54
C MET A 950 17.98 6.28 -0.96
N ARG A 951 18.10 7.54 -1.41
CA ARG A 951 18.00 7.86 -2.86
C ARG A 951 18.99 8.98 -3.20
N ARG A 952 19.89 8.75 -4.14
CA ARG A 952 20.78 9.83 -4.60
C ARG A 952 19.90 10.75 -5.45
N LEU A 953 19.98 12.05 -5.21
CA LEU A 953 19.03 13.01 -5.80
C LEU A 953 19.65 13.68 -7.03
N THR A 954 20.95 13.47 -7.29
CA THR A 954 21.73 14.13 -8.37
C THR A 954 22.44 13.10 -9.24
N LYS A 955 22.38 13.30 -10.57
CA LYS A 955 23.22 12.65 -11.61
C LYS A 955 24.67 13.14 -11.47
N SER A 956 25.57 12.53 -12.25
CA SER A 956 27.04 12.68 -12.11
C SER A 956 27.47 14.07 -12.56
N SER A 957 26.86 14.59 -13.65
CA SER A 957 27.25 15.87 -14.30
C SER A 957 27.17 17.03 -13.30
N ALA A 958 26.74 16.79 -12.05
CA ALA A 958 26.34 17.81 -11.07
C ALA A 958 27.52 18.18 -10.17
N LYS A 959 27.68 19.48 -9.98
CA LYS A 959 28.61 20.17 -9.05
C LYS A 959 28.59 19.49 -7.68
N THR A 960 27.42 19.47 -7.04
CA THR A 960 27.21 19.04 -5.63
C THR A 960 26.26 17.84 -5.61
N GLN A 961 26.80 16.67 -5.26
CA GLN A 961 26.01 15.42 -5.08
C GLN A 961 25.14 15.59 -3.84
N ARG A 962 23.88 15.16 -3.96
CA ARG A 962 22.86 15.25 -2.88
CA ARG A 962 22.87 15.24 -2.87
C ARG A 962 22.18 13.89 -2.76
N VAL A 963 21.94 13.45 -1.52
CA VAL A 963 21.35 12.12 -1.23
C VAL A 963 20.28 12.33 -0.14
N GLY A 964 19.07 11.87 -0.45
CA GLY A 964 17.89 11.93 0.42
C GLY A 964 17.71 10.65 1.20
N TYR A 965 17.34 10.78 2.47
CA TYR A 965 17.03 9.68 3.41
C TYR A 965 15.66 9.98 4.00
N VAL A 966 14.75 9.01 3.95
CA VAL A 966 13.55 9.03 4.81
C VAL A 966 13.82 8.12 6.00
N LEU A 967 13.64 8.68 7.18
CA LEU A 967 13.81 8.00 8.47
C LEU A 967 12.43 7.90 9.08
N HIS A 968 11.98 6.68 9.32
CA HIS A 968 10.75 6.37 10.07
C HIS A 968 11.14 5.67 11.35
N ARG A 969 10.57 6.10 12.47
CA ARG A 969 10.71 5.41 13.77
C ARG A 969 9.33 4.97 14.19
N THR A 970 9.13 3.67 14.38
CA THR A 970 7.83 3.10 14.82
C THR A 970 7.75 3.28 16.32
N ASN A 971 6.77 2.68 16.96
CA ASN A 971 6.70 2.59 18.44
C ASN A 971 6.45 1.13 18.82
N LEU A 972 7.36 0.55 19.59
CA LEU A 972 7.21 -0.86 20.03
C LEU A 972 6.78 -0.86 21.49
N MET A 973 5.90 -1.79 21.83
CA MET A 973 5.45 -2.02 23.21
C MET A 973 6.67 -2.45 24.05
N GLN A 974 7.01 -1.68 25.09
CA GLN A 974 8.14 -1.93 26.02
C GLN A 974 7.72 -3.04 26.98
N CYS A 975 8.57 -4.08 27.10
CA CYS A 975 8.34 -5.29 27.94
C CYS A 975 9.61 -5.62 28.76
N GLY A 976 10.55 -4.68 28.93
CA GLY A 976 11.84 -4.88 29.64
C GLY A 976 12.62 -6.06 29.09
N THR A 982 23.59 -0.34 20.41
CA THR A 982 22.97 0.48 19.34
C THR A 982 23.64 1.86 19.24
N GLN A 983 24.30 2.13 18.11
CA GLN A 983 24.97 3.40 17.77
C GLN A 983 23.96 4.41 17.22
N LYS A 984 24.16 5.70 17.49
CA LYS A 984 23.39 6.83 16.91
C LYS A 984 23.57 6.81 15.38
N LEU A 985 22.47 6.84 14.64
CA LEU A 985 22.53 6.88 13.15
C LEU A 985 22.35 8.33 12.71
N ASP A 986 23.38 8.88 12.06
CA ASP A 986 23.35 10.21 11.41
C ASP A 986 23.57 10.01 9.91
N VAL A 987 22.50 10.08 9.12
CA VAL A 987 22.53 9.74 7.68
C VAL A 987 23.29 10.85 6.97
N CYS A 988 23.39 12.02 7.60
CA CYS A 988 24.12 13.16 7.00
C CYS A 988 25.61 12.77 6.84
N HIS A 989 26.10 11.80 7.63
CA HIS A 989 27.54 11.37 7.64
C HIS A 989 27.74 10.02 6.92
N LEU A 990 26.68 9.22 6.68
CA LEU A 990 26.79 7.92 5.96
C LEU A 990 27.72 8.02 4.75
N LEU A 991 27.58 9.07 3.93
CA LEU A 991 28.47 9.33 2.77
C LEU A 991 29.51 10.35 3.19
N PRO A 992 30.71 10.37 2.55
CA PRO A 992 31.82 11.23 2.96
C PRO A 992 31.79 12.62 2.31
N ASN A 993 32.50 13.60 2.88
CA ASN A 993 32.68 14.95 2.27
C ASN A 993 31.34 15.70 2.29
N VAL A 994 30.56 15.45 3.34
CA VAL A 994 29.30 16.20 3.63
C VAL A 994 29.64 17.70 3.75
N ALA A 995 29.13 18.52 2.82
CA ALA A 995 29.21 20.00 2.83
C ALA A 995 27.99 20.64 3.52
N ARG A 996 26.79 20.04 3.43
CA ARG A 996 25.50 20.62 3.91
C ARG A 996 24.55 19.48 4.31
N CYS A 997 23.52 19.77 5.11
CA CYS A 997 22.55 18.76 5.60
C CYS A 997 21.25 19.43 6.10
N GLU A 998 20.13 19.17 5.40
CA GLU A 998 18.80 19.78 5.67
C GLU A 998 17.81 18.71 6.16
N ARG A 999 16.97 19.04 7.13
CA ARG A 999 15.68 18.34 7.32
C ARG A 999 14.75 18.84 6.22
N THR A 1000 14.17 17.93 5.43
CA THR A 1000 13.27 18.28 4.30
C THR A 1000 11.87 17.71 4.52
N THR A 1001 10.92 18.17 3.71
CA THR A 1001 9.63 17.47 3.48
C THR A 1001 9.95 16.03 2.99
N LEU A 1002 8.98 15.11 3.09
CA LEU A 1002 9.21 13.69 2.78
C LEU A 1002 9.48 13.50 1.29
N THR A 1003 9.08 14.46 0.45
CA THR A 1003 9.28 14.47 -1.03
C THR A 1003 10.70 14.95 -1.36
N PHE A 1004 11.44 15.42 -0.36
CA PHE A 1004 12.80 16.05 -0.47
C PHE A 1004 12.71 17.42 -1.18
N LEU A 1005 11.51 18.03 -1.33
CA LEU A 1005 11.35 19.14 -2.30
C LEU A 1005 11.49 20.50 -1.61
N GLN A 1006 11.46 20.53 -0.28
CA GLN A 1006 11.46 21.79 0.50
C GLN A 1006 12.35 21.58 1.72
N ASN A 1007 13.28 22.49 1.95
CA ASN A 1007 14.17 22.48 3.14
C ASN A 1007 13.36 23.09 4.29
N LEU A 1008 13.35 22.45 5.45
CA LEU A 1008 12.58 22.93 6.63
C LEU A 1008 13.54 23.38 7.73
N GLU A 1009 14.85 23.11 7.59
CA GLU A 1009 15.82 23.30 8.69
C GLU A 1009 17.24 22.99 8.21
N HIS A 1010 18.13 23.99 8.11
CA HIS A 1010 19.61 23.81 8.11
C HIS A 1010 20.06 23.34 9.51
N LEU A 1011 21.04 22.44 9.59
CA LEU A 1011 21.43 21.73 10.84
C LEU A 1011 22.87 22.06 11.22
N GLY A 1013 26.36 22.37 13.48
CA GLY A 1013 26.79 21.78 12.20
C GLY A 1013 25.85 20.68 11.74
N MET A 1014 26.34 19.80 10.86
CA MET A 1014 25.56 18.97 9.90
C MET A 1014 25.27 17.55 10.46
N VAL A 1015 24.72 17.48 11.68
CA VAL A 1015 24.17 16.24 12.30
C VAL A 1015 22.64 16.27 12.11
N ALA A 1016 22.02 15.14 11.72
CA ALA A 1016 20.56 14.91 11.71
C ALA A 1016 20.12 14.42 13.11
N PRO A 1017 19.35 15.21 13.91
CA PRO A 1017 18.81 14.71 15.17
C PRO A 1017 17.83 13.57 14.88
N GLU A 1018 17.86 12.50 15.69
CA GLU A 1018 16.96 11.32 15.52
C GLU A 1018 15.53 11.74 15.90
N VAL A 1019 14.57 10.88 15.53
CA VAL A 1019 13.12 11.23 15.36
C VAL A 1019 12.30 10.49 16.42
N CYS A 1020 11.18 11.06 16.82
CA CYS A 1020 10.31 10.57 17.93
C CYS A 1020 9.59 9.30 17.51
N PRO A 1021 9.12 8.46 18.46
CA PRO A 1021 8.31 7.28 18.13
C PRO A 1021 7.07 7.69 17.30
N MET A 1022 6.79 6.94 16.22
CA MET A 1022 5.65 7.12 15.26
C MET A 1022 5.87 8.37 14.41
N GLU A 1023 7.09 8.90 14.37
CA GLU A 1023 7.43 10.05 13.49
C GLU A 1023 8.22 9.58 12.26
N THR A 1024 8.09 10.35 11.18
CA THR A 1024 8.84 10.18 9.92
C THR A 1024 9.44 11.54 9.57
N ALA A 1025 10.70 11.55 9.17
CA ALA A 1025 11.45 12.77 8.81
C ALA A 1025 12.35 12.42 7.64
N ALA A 1026 12.58 13.39 6.77
CA ALA A 1026 13.47 13.30 5.61
C ALA A 1026 14.65 14.22 5.85
N TYR A 1027 15.81 13.83 5.32
CA TYR A 1027 17.06 14.63 5.33
C TYR A 1027 17.72 14.50 3.96
N VAL A 1028 18.33 15.59 3.49
CA VAL A 1028 19.23 15.60 2.31
C VAL A 1028 20.61 16.11 2.73
N SER A 1029 21.59 15.22 2.71
CA SER A 1029 23.04 15.49 2.84
C SER A 1029 23.60 15.90 1.46
N SER A 1030 24.37 16.99 1.39
CA SER A 1030 25.10 17.48 0.20
C SER A 1030 26.59 17.13 0.31
N HIS A 1031 27.27 16.91 -0.82
CA HIS A 1031 28.68 16.41 -0.90
C HIS A 1031 29.47 17.23 -1.93
N SER A 1032 30.74 17.56 -1.61
CA SER A 1032 31.55 18.64 -2.26
C SER A 1032 32.20 18.17 -3.57
C1 EDO B . -15.32 3.31 -8.64
O1 EDO B . -16.49 2.59 -9.10
C2 EDO B . -14.26 3.44 -9.69
O2 EDO B . -13.31 2.33 -9.76
C1 EDO C . 9.50 1.79 -2.19
O1 EDO C . 8.39 2.61 -1.91
C2 EDO C . 10.71 2.61 -2.39
O2 EDO C . 11.07 3.41 -1.27
ZN ZN D . -11.11 6.30 -10.24
#